data_4OEC
#
_entry.id   4OEC
#
_cell.length_a   43.724
_cell.length_b   132.034
_cell.length_c   171.639
_cell.angle_alpha   90.00
_cell.angle_beta   90.00
_cell.angle_gamma   90.00
#
_symmetry.space_group_name_H-M   'P 21 21 21'
#
loop_
_entity.id
_entity.type
_entity.pdbx_description
1 polymer 'Glycerophosphoryl diester phosphodiesterase'
2 non-polymer 'MAGNESIUM ION'
3 water water
#
_entity_poly.entity_id   1
_entity_poly.type   'polypeptide(L)'
_entity_poly.pdbx_seq_one_letter_code
;MWERDRVIVLGHRGYMSNYPENTLLAFRKAVEAGADGIELDVWLTKDGRVVVMHDETIDRTSNMKGRQKDMTLEELKKAD
VGQGERIPTLEEVFEAIPRNALVNVELKDRDAAREVAEIVAENNPERVMISSFDIDALREYRKYDDETTMGLLIDREEVV
PLIPKLKDELNLWSVNVPMEAIPLIGLEKTLQALHWVRSLGLKVVLWTENDVLFYKDDNLAKLKGLFEVVIANDVVRMIE
YLKKLGLR
;
_entity_poly.pdbx_strand_id   A,B,C,D
#
loop_
_chem_comp.id
_chem_comp.type
_chem_comp.name
_chem_comp.formula
MG non-polymer 'MAGNESIUM ION' 'Mg 2'
#
# COMPACT_ATOMS: atom_id res chain seq x y z
N MET A 1 34.96 -20.60 -7.34
CA MET A 1 35.25 -19.46 -6.47
C MET A 1 34.74 -19.65 -5.05
N TRP A 2 33.58 -20.24 -4.90
CA TRP A 2 33.05 -20.60 -3.61
C TRP A 2 33.62 -21.94 -3.09
N GLU A 3 34.22 -22.69 -3.98
CA GLU A 3 34.89 -23.93 -3.64
C GLU A 3 36.36 -23.71 -3.54
N ARG A 4 36.85 -23.60 -2.34
CA ARG A 4 38.24 -23.32 -2.13
C ARG A 4 38.68 -23.95 -0.83
N ASP A 5 39.98 -24.10 -0.65
CA ASP A 5 40.50 -24.65 0.58
C ASP A 5 40.30 -23.78 1.81
N ARG A 6 40.61 -22.50 1.70
CA ARG A 6 40.51 -21.62 2.83
C ARG A 6 39.08 -21.27 3.17
N VAL A 7 38.70 -21.38 4.44
CA VAL A 7 37.39 -21.01 4.90
C VAL A 7 37.15 -19.54 4.53
N ILE A 8 35.94 -19.26 4.09
CA ILE A 8 35.56 -17.97 3.60
C ILE A 8 34.96 -17.12 4.69
N VAL A 9 35.41 -15.90 4.81
CA VAL A 9 34.84 -14.97 5.74
C VAL A 9 34.15 -13.83 4.98
N LEU A 10 32.88 -13.63 5.26
CA LEU A 10 32.10 -12.53 4.75
C LEU A 10 31.68 -11.56 5.84
N GLY A 11 31.84 -10.28 5.61
CA GLY A 11 31.33 -9.32 6.55
C GLY A 11 29.82 -9.17 6.46
N HIS A 12 29.14 -9.34 7.56
CA HIS A 12 27.71 -9.37 7.59
C HIS A 12 27.23 -7.93 7.46
N ARG A 13 26.61 -7.67 6.33
CA ARG A 13 26.25 -6.31 5.99
C ARG A 13 27.53 -5.44 5.96
N GLY A 14 28.63 -6.00 5.50
CA GLY A 14 29.89 -5.32 5.61
C GLY A 14 30.53 -5.51 6.97
N TYR A 15 31.44 -4.65 7.35
CA TYR A 15 32.10 -4.68 8.64
C TYR A 15 31.21 -3.93 9.64
N MET A 16 30.06 -4.50 9.92
CA MET A 16 29.00 -3.80 10.64
C MET A 16 29.24 -3.55 12.11
N SER A 17 30.19 -4.27 12.68
CA SER A 17 30.61 -4.01 14.04
C SER A 17 31.20 -2.61 14.18
N ASN A 18 31.92 -2.16 13.18
CA ASN A 18 32.68 -0.97 13.28
C ASN A 18 32.25 0.15 12.33
N TYR A 19 31.36 -0.18 11.41
CA TYR A 19 30.84 0.77 10.46
C TYR A 19 29.35 0.58 10.23
N PRO A 20 28.68 1.60 9.73
CA PRO A 20 27.23 1.50 9.59
C PRO A 20 26.84 0.37 8.64
N GLU A 21 25.92 -0.43 9.08
CA GLU A 21 25.54 -1.63 8.33
C GLU A 21 25.00 -1.33 6.95
N ASN A 22 25.32 -2.19 6.01
CA ASN A 22 24.73 -2.13 4.71
C ASN A 22 25.01 -0.81 4.00
N THR A 23 26.22 -0.32 4.15
CA THR A 23 26.70 0.86 3.50
C THR A 23 27.96 0.57 2.69
N LEU A 24 28.20 1.40 1.71
CA LEU A 24 29.37 1.29 0.90
C LEU A 24 30.61 1.40 1.80
N LEU A 25 30.55 2.27 2.79
CA LEU A 25 31.66 2.39 3.71
C LEU A 25 31.92 1.03 4.42
N ALA A 26 30.88 0.41 4.95
CA ALA A 26 31.02 -0.85 5.62
C ALA A 26 31.52 -1.95 4.68
N PHE A 27 31.00 -1.98 3.49
CA PHE A 27 31.44 -2.97 2.57
C PHE A 27 32.94 -2.79 2.25
N ARG A 28 33.35 -1.57 1.98
CA ARG A 28 34.74 -1.32 1.59
C ARG A 28 35.65 -1.71 2.74
N LYS A 29 35.26 -1.33 3.93
CA LYS A 29 36.04 -1.59 5.11
C LYS A 29 36.21 -3.09 5.38
N ALA A 30 35.19 -3.86 5.11
CA ALA A 30 35.29 -5.27 5.33
C ALA A 30 36.37 -5.94 4.50
N VAL A 31 36.35 -5.63 3.23
CA VAL A 31 37.34 -6.10 2.30
C VAL A 31 38.73 -5.54 2.56
N GLU A 32 38.81 -4.27 2.90
CA GLU A 32 40.07 -3.66 3.30
C GLU A 32 40.67 -4.27 4.61
N ALA A 33 39.83 -4.85 5.43
CA ALA A 33 40.22 -5.53 6.65
C ALA A 33 40.60 -7.01 6.42
N GLY A 34 40.54 -7.43 5.18
CA GLY A 34 40.90 -8.78 4.80
C GLY A 34 39.81 -9.80 4.61
N ALA A 35 38.57 -9.40 4.74
CA ALA A 35 37.49 -10.30 4.47
C ALA A 35 37.51 -10.72 3.02
N ASP A 36 37.09 -11.94 2.74
CA ASP A 36 36.97 -12.43 1.40
C ASP A 36 35.85 -11.77 0.63
N GLY A 37 34.91 -11.17 1.34
CA GLY A 37 33.72 -10.70 0.73
C GLY A 37 32.72 -10.15 1.71
N ILE A 38 31.52 -9.93 1.22
CA ILE A 38 30.46 -9.34 1.97
C ILE A 38 29.15 -10.09 1.78
N GLU A 39 28.26 -9.88 2.72
CA GLU A 39 26.88 -10.28 2.65
C GLU A 39 26.02 -9.02 2.79
N LEU A 40 24.88 -9.04 2.15
CA LEU A 40 23.98 -7.90 2.13
C LEU A 40 22.55 -8.27 1.73
N ASP A 41 21.61 -7.38 2.02
CA ASP A 41 20.20 -7.57 1.89
C ASP A 41 19.64 -6.62 0.85
N VAL A 42 18.77 -7.14 -0.02
CA VAL A 42 18.16 -6.33 -1.04
C VAL A 42 16.63 -6.42 -1.15
N TRP A 43 16.07 -5.27 -1.52
CA TRP A 43 14.69 -5.08 -1.80
C TRP A 43 14.54 -4.30 -3.11
N LEU A 44 13.34 -4.38 -3.68
CA LEU A 44 12.99 -3.60 -4.85
C LEU A 44 12.20 -2.33 -4.48
N THR A 45 12.64 -1.18 -4.97
CA THR A 45 11.94 0.09 -4.74
C THR A 45 10.67 0.20 -5.56
N LYS A 46 9.89 1.23 -5.27
CA LYS A 46 8.68 1.45 -6.00
C LYS A 46 9.00 1.73 -7.42
N ASP A 47 10.18 2.41 -7.74
CA ASP A 47 10.68 2.39 -9.08
C ASP A 47 11.81 1.50 -9.62
N GLY A 48 11.71 0.34 -9.19
CA GLY A 48 12.28 -0.79 -9.86
C GLY A 48 13.77 -0.85 -9.66
N ARG A 49 14.28 -0.13 -8.69
CA ARG A 49 15.66 -0.18 -8.30
C ARG A 49 15.92 -1.15 -7.14
N VAL A 50 17.10 -1.75 -7.17
CA VAL A 50 17.49 -2.70 -6.19
C VAL A 50 18.34 -2.01 -5.16
N VAL A 51 17.82 -1.91 -3.96
CA VAL A 51 18.47 -1.20 -2.88
C VAL A 51 18.84 -2.08 -1.70
N VAL A 52 19.83 -1.66 -0.93
CA VAL A 52 20.39 -2.44 0.16
C VAL A 52 19.87 -1.99 1.51
N MET A 53 19.08 -2.84 2.10
CA MET A 53 18.53 -2.56 3.41
C MET A 53 18.14 -3.86 4.07
N HIS A 54 18.51 -4.05 5.33
CA HIS A 54 18.05 -5.25 5.99
C HIS A 54 16.57 -5.37 6.38
N ASP A 55 16.08 -4.46 7.19
CA ASP A 55 14.70 -4.44 7.62
C ASP A 55 13.74 -4.08 6.46
N GLU A 56 12.45 -4.32 6.66
CA GLU A 56 11.43 -3.95 5.70
C GLU A 56 11.29 -2.43 5.62
N THR A 57 11.80 -1.73 6.62
CA THR A 57 11.69 -0.29 6.71
C THR A 57 13.03 0.34 7.04
N ILE A 58 13.17 1.59 6.70
CA ILE A 58 14.42 2.30 6.89
C ILE A 58 14.57 2.88 8.28
N ASP A 59 13.56 2.66 9.12
CA ASP A 59 13.49 3.37 10.39
C ASP A 59 14.68 3.09 11.31
N ARG A 60 15.03 1.84 11.48
CA ARG A 60 16.09 1.45 12.38
C ARG A 60 17.44 2.00 12.01
N THR A 61 17.83 1.89 10.76
CA THR A 61 19.16 2.28 10.39
C THR A 61 19.35 3.67 9.87
N SER A 62 18.28 4.42 9.72
CA SER A 62 18.36 5.72 9.08
C SER A 62 17.82 6.82 9.96
N ASN A 63 17.94 8.03 9.48
CA ASN A 63 17.37 9.19 10.13
C ASN A 63 15.93 9.50 9.70
N MET A 64 15.37 8.56 8.97
CA MET A 64 14.06 8.66 8.35
C MET A 64 13.18 7.47 8.61
N LYS A 65 11.99 7.52 8.03
CA LYS A 65 10.98 6.51 8.18
C LYS A 65 10.41 6.08 6.83
N GLY A 66 9.93 4.85 6.73
CA GLY A 66 9.27 4.38 5.54
C GLY A 66 9.60 2.96 5.12
N ARG A 67 8.77 2.38 4.28
CA ARG A 67 9.01 1.09 3.71
C ARG A 67 9.64 1.35 2.36
N GLN A 68 10.80 0.79 2.11
CA GLN A 68 11.50 1.05 0.87
C GLN A 68 10.74 0.58 -0.38
N LYS A 69 9.97 -0.47 -0.25
CA LYS A 69 9.20 -0.96 -1.38
C LYS A 69 8.18 0.10 -1.85
N ASP A 70 7.86 1.00 -0.95
CA ASP A 70 6.88 2.03 -1.20
C ASP A 70 7.53 3.39 -1.47
N MET A 71 8.83 3.41 -1.69
CA MET A 71 9.52 4.61 -1.95
C MET A 71 10.28 4.52 -3.26
N THR A 72 10.56 5.65 -3.88
CA THR A 72 11.46 5.70 -4.98
C THR A 72 12.92 5.74 -4.53
N LEU A 73 13.82 5.50 -5.46
CA LEU A 73 15.19 5.55 -5.12
C LEU A 73 15.53 6.97 -4.63
N GLU A 74 15.03 7.96 -5.34
CA GLU A 74 15.36 9.32 -5.07
C GLU A 74 14.88 9.70 -3.70
N GLU A 75 13.73 9.22 -3.32
CA GLU A 75 13.24 9.48 -1.99
C GLU A 75 14.17 8.85 -0.97
N LEU A 76 14.61 7.66 -1.27
CA LEU A 76 15.47 6.90 -0.40
C LEU A 76 16.83 7.56 -0.17
N LYS A 77 17.34 8.17 -1.19
CA LYS A 77 18.63 8.76 -1.13
C LYS A 77 18.65 10.00 -0.24
N LYS A 78 17.50 10.46 0.20
CA LYS A 78 17.45 11.53 1.14
C LYS A 78 18.08 11.12 2.46
N ALA A 79 17.89 9.88 2.84
CA ALA A 79 18.16 9.43 4.18
C ALA A 79 19.64 9.35 4.51
N ASP A 80 19.93 9.43 5.79
CA ASP A 80 21.27 9.23 6.30
C ASP A 80 21.28 7.91 7.04
N VAL A 81 22.09 7.00 6.55
CA VAL A 81 22.19 5.64 7.09
C VAL A 81 23.43 5.41 7.93
N GLY A 82 24.01 6.50 8.36
CA GLY A 82 25.14 6.52 9.24
C GLY A 82 26.28 7.28 8.61
N GLN A 83 26.67 8.30 9.32
CA GLN A 83 27.86 9.04 9.02
C GLN A 83 27.84 9.62 7.63
N GLY A 84 26.65 9.97 7.17
CA GLY A 84 26.45 10.56 5.87
C GLY A 84 26.37 9.58 4.71
N GLU A 85 26.38 8.33 5.05
CA GLU A 85 26.22 7.30 4.06
C GLU A 85 24.80 7.30 3.52
N ARG A 86 24.69 7.07 2.23
CA ARG A 86 23.41 6.87 1.59
C ARG A 86 23.10 5.40 1.29
N ILE A 87 21.82 5.07 1.25
CA ILE A 87 21.43 3.72 0.93
C ILE A 87 21.90 3.45 -0.48
N PRO A 88 22.69 2.41 -0.67
CA PRO A 88 23.18 2.09 -1.99
C PRO A 88 22.28 1.19 -2.83
N THR A 89 22.38 1.31 -4.14
CA THR A 89 21.84 0.32 -5.03
C THR A 89 22.81 -0.86 -5.13
N LEU A 90 22.32 -1.98 -5.58
CA LEU A 90 23.17 -3.12 -5.74
C LEU A 90 24.31 -2.81 -6.71
N GLU A 91 24.05 -2.07 -7.78
CA GLU A 91 25.08 -1.72 -8.70
C GLU A 91 26.15 -0.87 -8.02
N GLU A 92 25.71 0.00 -7.11
CA GLU A 92 26.65 0.84 -6.36
C GLU A 92 27.66 0.00 -5.59
N VAL A 93 27.19 -1.12 -5.03
CA VAL A 93 28.03 -2.01 -4.27
C VAL A 93 29.10 -2.74 -5.11
N PHE A 94 28.68 -3.26 -6.25
CA PHE A 94 29.62 -3.89 -7.14
C PHE A 94 30.70 -2.92 -7.58
N GLU A 95 30.34 -1.67 -7.78
CA GLU A 95 31.30 -0.67 -8.17
C GLU A 95 32.33 -0.45 -7.09
N ALA A 96 31.88 -0.47 -5.87
CA ALA A 96 32.66 -0.13 -4.70
C ALA A 96 33.75 -1.08 -4.24
N ILE A 97 33.66 -2.33 -4.61
CA ILE A 97 34.51 -3.35 -4.07
C ILE A 97 35.17 -4.12 -5.19
N PRO A 98 36.21 -4.88 -4.88
CA PRO A 98 36.97 -5.54 -5.92
C PRO A 98 36.13 -6.54 -6.70
N ARG A 99 36.53 -6.72 -7.93
CA ARG A 99 35.80 -7.53 -8.88
C ARG A 99 35.76 -9.03 -8.58
N ASN A 100 36.72 -9.47 -7.79
CA ASN A 100 36.75 -10.81 -7.34
C ASN A 100 36.34 -11.00 -5.88
N ALA A 101 35.84 -9.96 -5.24
CA ALA A 101 35.34 -10.11 -3.91
C ALA A 101 34.06 -10.95 -3.91
N LEU A 102 33.93 -11.84 -2.95
CA LEU A 102 32.74 -12.63 -2.87
C LEU A 102 31.54 -11.79 -2.41
N VAL A 103 30.40 -11.97 -3.04
CA VAL A 103 29.20 -11.27 -2.63
C VAL A 103 28.00 -12.16 -2.42
N ASN A 104 27.51 -12.22 -1.21
CA ASN A 104 26.33 -12.98 -0.93
C ASN A 104 25.13 -12.04 -0.83
N VAL A 105 24.29 -12.08 -1.84
CA VAL A 105 23.12 -11.24 -1.88
C VAL A 105 22.00 -12.00 -1.27
N GLU A 106 21.48 -11.47 -0.18
CA GLU A 106 20.34 -12.06 0.44
C GLU A 106 19.07 -11.35 -0.10
N LEU A 107 18.22 -12.12 -0.77
CA LEU A 107 17.01 -11.57 -1.32
C LEU A 107 15.96 -11.49 -0.25
N LYS A 108 15.62 -10.30 0.18
CA LYS A 108 14.53 -10.09 1.11
C LYS A 108 13.19 -9.91 0.42
N ASP A 109 13.23 -9.71 -0.88
CA ASP A 109 12.07 -9.37 -1.66
C ASP A 109 12.02 -10.15 -2.97
N ARG A 110 11.02 -10.99 -3.12
CA ARG A 110 10.85 -11.76 -4.31
C ARG A 110 10.69 -10.86 -5.53
N ASP A 111 10.11 -9.70 -5.34
CA ASP A 111 9.92 -8.81 -6.45
C ASP A 111 11.25 -8.43 -7.12
N ALA A 112 12.35 -8.46 -6.37
CA ALA A 112 13.68 -8.07 -6.84
C ALA A 112 14.42 -9.10 -7.66
N ALA A 113 13.87 -10.27 -7.79
CA ALA A 113 14.63 -11.37 -8.32
C ALA A 113 15.11 -11.14 -9.71
N ARG A 114 14.25 -10.68 -10.57
CA ARG A 114 14.63 -10.48 -11.93
C ARG A 114 15.72 -9.45 -12.13
N GLU A 115 15.61 -8.30 -11.46
CA GLU A 115 16.63 -7.26 -11.53
C GLU A 115 17.95 -7.71 -10.96
N VAL A 116 17.89 -8.41 -9.85
CA VAL A 116 19.08 -8.85 -9.20
C VAL A 116 19.83 -9.76 -10.17
N ALA A 117 19.11 -10.64 -10.81
CA ALA A 117 19.70 -11.55 -11.73
C ALA A 117 20.39 -10.80 -12.89
N GLU A 118 19.77 -9.77 -13.42
CA GLU A 118 20.41 -9.03 -14.50
C GLU A 118 21.66 -8.34 -14.07
N ILE A 119 21.61 -7.69 -12.92
CA ILE A 119 22.78 -7.01 -12.40
C ILE A 119 23.91 -7.98 -12.11
N VAL A 120 23.54 -9.11 -11.55
CA VAL A 120 24.51 -10.13 -11.21
C VAL A 120 25.19 -10.59 -12.48
N ALA A 121 24.45 -10.76 -13.55
CA ALA A 121 25.02 -11.27 -14.77
C ALA A 121 26.09 -10.34 -15.29
N GLU A 122 25.93 -9.08 -15.01
CA GLU A 122 26.85 -8.06 -15.46
C GLU A 122 28.02 -7.81 -14.55
N ASN A 123 28.05 -8.50 -13.43
CA ASN A 123 29.04 -8.22 -12.41
C ASN A 123 29.77 -9.44 -11.84
N ASN A 124 30.36 -10.22 -12.72
CA ASN A 124 31.17 -11.34 -12.31
C ASN A 124 30.39 -12.31 -11.41
N PRO A 125 29.42 -12.99 -11.97
CA PRO A 125 28.45 -13.81 -11.23
C PRO A 125 29.12 -14.97 -10.50
N GLU A 126 30.31 -15.32 -10.94
CA GLU A 126 31.09 -16.38 -10.34
C GLU A 126 31.43 -16.13 -8.88
N ARG A 127 31.50 -14.88 -8.47
CA ARG A 127 31.80 -14.53 -7.10
C ARG A 127 30.55 -14.16 -6.35
N VAL A 128 29.40 -14.48 -6.92
CA VAL A 128 28.16 -14.14 -6.30
C VAL A 128 27.48 -15.36 -5.73
N MET A 129 26.83 -15.19 -4.62
CA MET A 129 25.91 -16.18 -4.11
C MET A 129 24.58 -15.55 -3.78
N ILE A 130 23.52 -16.21 -4.19
CA ILE A 130 22.18 -15.77 -3.86
C ILE A 130 21.64 -16.61 -2.74
N SER A 131 21.15 -15.98 -1.69
CA SER A 131 20.46 -16.71 -0.63
C SER A 131 19.19 -16.01 -0.16
N SER A 132 18.33 -16.76 0.49
CA SER A 132 17.13 -16.23 1.09
C SER A 132 16.57 -17.19 2.11
N PHE A 133 15.84 -16.68 3.10
CA PHE A 133 14.96 -17.46 3.94
C PHE A 133 13.68 -17.86 3.23
N ASP A 134 13.34 -17.14 2.18
CA ASP A 134 12.09 -17.31 1.48
C ASP A 134 12.29 -18.19 0.28
N ILE A 135 11.74 -19.38 0.33
CA ILE A 135 11.89 -20.33 -0.74
C ILE A 135 11.31 -19.80 -2.05
N ASP A 136 10.21 -19.10 -1.96
CA ASP A 136 9.58 -18.51 -3.12
C ASP A 136 10.42 -17.47 -3.82
N ALA A 137 11.15 -16.71 -3.05
CA ALA A 137 12.08 -15.80 -3.63
C ALA A 137 13.12 -16.55 -4.39
N LEU A 138 13.58 -17.65 -3.84
CA LEU A 138 14.57 -18.43 -4.54
C LEU A 138 13.98 -19.02 -5.82
N ARG A 139 12.77 -19.51 -5.73
CA ARG A 139 12.16 -20.11 -6.90
C ARG A 139 12.03 -19.07 -8.00
N GLU A 140 11.64 -17.87 -7.62
CA GLU A 140 11.54 -16.81 -8.58
C GLU A 140 12.89 -16.47 -9.21
N TYR A 141 13.91 -16.41 -8.39
CA TYR A 141 15.23 -16.13 -8.92
C TYR A 141 15.62 -17.18 -9.95
N ARG A 142 15.29 -18.42 -9.70
CA ARG A 142 15.66 -19.48 -10.62
C ARG A 142 14.97 -19.40 -11.99
N LYS A 143 13.84 -18.72 -12.04
CA LYS A 143 13.21 -18.42 -13.31
C LYS A 143 14.12 -17.62 -14.20
N TYR A 144 14.89 -16.72 -13.62
CA TYR A 144 15.81 -15.92 -14.38
C TYR A 144 17.27 -16.32 -14.38
N ASP A 145 17.77 -17.02 -13.35
CA ASP A 145 19.19 -17.39 -13.34
C ASP A 145 19.38 -18.81 -12.76
N ASP A 146 19.75 -19.74 -13.60
CA ASP A 146 19.89 -21.09 -13.14
C ASP A 146 21.31 -21.54 -12.88
N GLU A 147 22.26 -20.66 -13.04
CA GLU A 147 23.64 -20.99 -12.80
C GLU A 147 24.30 -20.49 -11.51
N THR A 148 23.94 -19.32 -11.07
CA THR A 148 24.59 -18.72 -9.95
C THR A 148 24.42 -19.55 -8.68
N THR A 149 25.48 -19.53 -7.89
CA THR A 149 25.55 -20.26 -6.66
C THR A 149 24.42 -19.81 -5.75
N MET A 150 23.73 -20.74 -5.16
CA MET A 150 22.58 -20.46 -4.33
C MET A 150 22.64 -21.17 -2.98
N GLY A 151 22.22 -20.47 -1.95
CA GLY A 151 22.18 -20.96 -0.61
C GLY A 151 20.80 -20.79 0.02
N LEU A 152 20.36 -21.78 0.77
CA LEU A 152 19.11 -21.70 1.50
C LEU A 152 19.30 -21.33 2.96
N LEU A 153 18.89 -20.14 3.34
CA LEU A 153 18.92 -19.75 4.72
C LEU A 153 17.84 -20.46 5.50
N ILE A 154 18.17 -20.94 6.69
CA ILE A 154 17.23 -21.64 7.53
C ILE A 154 17.17 -21.19 8.97
N ASP A 155 15.99 -20.87 9.45
CA ASP A 155 15.84 -20.67 10.86
C ASP A 155 14.64 -21.39 11.49
N ARG A 156 14.11 -22.36 10.78
CA ARG A 156 13.00 -23.10 11.31
C ARG A 156 13.34 -24.56 11.19
N GLU A 157 13.12 -25.27 12.27
CA GLU A 157 13.50 -26.65 12.37
C GLU A 157 12.76 -27.46 11.33
N GLU A 158 11.53 -27.10 11.07
CA GLU A 158 10.68 -27.84 10.17
C GLU A 158 11.11 -27.79 8.70
N VAL A 159 11.93 -26.82 8.34
CA VAL A 159 12.49 -26.73 7.02
C VAL A 159 13.51 -27.81 6.68
N VAL A 160 14.14 -28.33 7.70
CA VAL A 160 15.25 -29.21 7.53
C VAL A 160 14.93 -30.46 6.76
N PRO A 161 13.79 -31.09 7.05
CA PRO A 161 13.41 -32.31 6.36
C PRO A 161 13.21 -32.06 4.90
N LEU A 162 12.95 -30.83 4.51
CA LEU A 162 12.70 -30.49 3.13
C LEU A 162 13.98 -30.30 2.30
N ILE A 163 15.12 -30.30 2.95
CA ILE A 163 16.33 -29.89 2.29
C ILE A 163 16.69 -30.72 1.06
N PRO A 164 16.55 -32.03 1.10
CA PRO A 164 16.91 -32.81 -0.08
C PRO A 164 16.05 -32.42 -1.28
N LYS A 165 14.76 -32.26 -1.07
CA LYS A 165 13.90 -31.86 -2.15
C LYS A 165 14.22 -30.47 -2.68
N LEU A 166 14.44 -29.54 -1.80
CA LEU A 166 14.78 -28.19 -2.16
C LEU A 166 16.10 -28.13 -2.91
N LYS A 167 17.05 -28.93 -2.50
CA LYS A 167 18.33 -28.94 -3.14
C LYS A 167 18.17 -29.31 -4.57
N ASP A 168 17.41 -30.35 -4.81
CA ASP A 168 17.19 -30.83 -6.15
C ASP A 168 16.38 -29.81 -6.98
N GLU A 169 15.35 -29.24 -6.38
CA GLU A 169 14.53 -28.26 -7.07
C GLU A 169 15.28 -27.01 -7.44
N LEU A 170 16.01 -26.46 -6.49
CA LEU A 170 16.70 -25.19 -6.67
C LEU A 170 18.15 -25.28 -7.09
N ASN A 171 18.70 -26.47 -7.17
CA ASN A 171 20.11 -26.61 -7.37
C ASN A 171 20.97 -25.83 -6.34
N LEU A 172 20.72 -26.03 -5.07
CA LEU A 172 21.44 -25.32 -4.00
C LEU A 172 22.88 -25.78 -3.90
N TRP A 173 23.82 -24.86 -3.79
CA TRP A 173 25.17 -25.13 -3.35
C TRP A 173 25.29 -25.42 -1.88
N SER A 174 24.58 -24.65 -1.09
CA SER A 174 24.69 -24.71 0.32
C SER A 174 23.41 -24.52 1.08
N VAL A 175 23.45 -24.89 2.35
CA VAL A 175 22.49 -24.42 3.29
C VAL A 175 23.17 -23.47 4.28
N ASN A 176 22.46 -22.46 4.70
CA ASN A 176 23.08 -21.42 5.45
C ASN A 176 22.37 -21.37 6.78
N VAL A 177 23.07 -21.82 7.80
CA VAL A 177 22.43 -22.17 9.05
C VAL A 177 23.04 -21.48 10.28
N PRO A 178 22.29 -21.41 11.36
CA PRO A 178 22.70 -20.64 12.52
C PRO A 178 23.39 -21.39 13.65
N MET A 179 24.33 -20.74 14.29
CA MET A 179 25.03 -21.28 15.42
C MET A 179 24.03 -21.56 16.56
N GLU A 180 22.86 -20.94 16.47
CA GLU A 180 21.81 -21.05 17.45
C GLU A 180 21.32 -22.50 17.54
N ALA A 181 21.66 -23.29 16.53
CA ALA A 181 21.33 -24.69 16.53
C ALA A 181 21.94 -25.38 17.74
N ILE A 182 23.12 -24.95 18.14
CA ILE A 182 23.83 -25.62 19.19
C ILE A 182 23.10 -25.58 20.56
N PRO A 183 22.73 -24.41 21.02
CA PRO A 183 21.93 -24.35 22.24
C PRO A 183 20.58 -24.98 22.03
N LEU A 184 20.06 -24.89 20.83
CA LEU A 184 18.80 -25.50 20.56
C LEU A 184 18.70 -27.02 20.56
N ILE A 185 19.54 -27.70 19.83
CA ILE A 185 19.47 -29.14 19.79
C ILE A 185 20.68 -29.83 20.35
N GLY A 186 21.67 -29.05 20.75
CA GLY A 186 22.90 -29.55 21.31
C GLY A 186 24.00 -29.72 20.27
N LEU A 187 25.23 -29.68 20.72
CA LEU A 187 26.33 -29.69 19.82
C LEU A 187 26.35 -30.98 19.01
N GLU A 188 26.17 -32.12 19.66
CA GLU A 188 26.25 -33.36 18.95
C GLU A 188 25.20 -33.50 17.85
N LYS A 189 23.96 -33.15 18.15
CA LYS A 189 22.95 -33.19 17.13
C LYS A 189 23.22 -32.20 16.01
N THR A 190 23.78 -31.08 16.35
CA THR A 190 24.16 -30.12 15.37
C THR A 190 25.24 -30.73 14.46
N LEU A 191 26.21 -31.40 15.03
CA LEU A 191 27.24 -32.00 14.23
C LEU A 191 26.61 -33.02 13.31
N GLN A 192 25.68 -33.77 13.83
CA GLN A 192 25.00 -34.78 13.05
C GLN A 192 24.19 -34.20 11.87
N ALA A 193 23.52 -33.10 12.11
CA ALA A 193 22.77 -32.43 11.07
C ALA A 193 23.67 -31.92 9.97
N LEU A 194 24.79 -31.36 10.36
CA LEU A 194 25.77 -30.89 9.40
C LEU A 194 26.30 -32.04 8.57
N HIS A 195 26.57 -33.15 9.20
CA HIS A 195 26.97 -34.31 8.44
C HIS A 195 25.87 -34.71 7.46
N TRP A 196 24.62 -34.60 7.87
CA TRP A 196 23.53 -34.99 7.03
C TRP A 196 23.48 -34.14 5.79
N VAL A 197 23.56 -32.85 5.96
CA VAL A 197 23.49 -31.99 4.80
C VAL A 197 24.67 -32.23 3.91
N ARG A 198 25.82 -32.46 4.46
CA ARG A 198 27.02 -32.74 3.67
C ARG A 198 26.91 -34.03 2.87
N SER A 199 26.22 -35.00 3.44
CA SER A 199 25.91 -36.24 2.82
C SER A 199 25.03 -36.06 1.59
N LEU A 200 24.24 -35.00 1.57
CA LEU A 200 23.49 -34.61 0.40
C LEU A 200 24.33 -33.94 -0.70
N GLY A 201 25.58 -33.64 -0.42
CA GLY A 201 26.37 -32.88 -1.34
C GLY A 201 26.41 -31.38 -1.12
N LEU A 202 25.79 -30.91 -0.08
CA LEU A 202 25.76 -29.51 0.21
C LEU A 202 26.99 -29.00 0.95
N LYS A 203 27.41 -27.79 0.63
CA LYS A 203 28.32 -27.05 1.44
C LYS A 203 27.57 -26.29 2.54
N VAL A 204 28.31 -25.68 3.46
CA VAL A 204 27.71 -25.06 4.61
C VAL A 204 28.22 -23.68 4.86
N VAL A 205 27.29 -22.78 5.11
CA VAL A 205 27.57 -21.41 5.43
C VAL A 205 27.02 -21.16 6.81
N LEU A 206 27.82 -20.60 7.70
CA LEU A 206 27.41 -20.36 9.06
C LEU A 206 27.17 -18.88 9.41
N TRP A 207 26.11 -18.64 10.17
CA TRP A 207 25.74 -17.32 10.66
C TRP A 207 25.17 -17.35 12.10
N THR A 208 25.06 -16.22 12.74
CA THR A 208 24.44 -16.15 14.05
C THR A 208 24.02 -14.73 14.38
N GLU A 209 23.34 -14.52 15.48
CA GLU A 209 22.92 -13.20 15.85
C GLU A 209 24.06 -12.49 16.52
N ASN A 210 24.56 -11.47 15.86
CA ASN A 210 25.58 -10.61 16.41
C ASN A 210 26.86 -11.35 16.91
N ASP A 211 27.23 -12.42 16.26
CA ASP A 211 28.52 -13.06 16.40
C ASP A 211 28.80 -13.79 17.73
N VAL A 212 27.78 -13.92 18.56
CA VAL A 212 28.02 -14.23 19.95
C VAL A 212 28.24 -15.74 20.05
N LEU A 213 27.41 -16.49 19.38
CA LEU A 213 27.50 -17.92 19.41
C LEU A 213 28.69 -18.53 18.63
N PHE A 214 29.39 -17.75 17.83
CA PHE A 214 30.58 -18.27 17.18
C PHE A 214 31.63 -18.59 18.27
N TYR A 215 31.71 -17.70 19.24
CA TYR A 215 32.79 -17.72 20.20
C TYR A 215 32.46 -18.33 21.58
N LYS A 216 31.22 -18.26 21.98
CA LYS A 216 30.77 -18.93 23.17
C LYS A 216 31.10 -20.41 23.18
N ASP A 217 31.77 -20.86 24.21
CA ASP A 217 32.11 -22.23 24.39
C ASP A 217 33.00 -22.70 23.25
N ASP A 218 33.57 -21.77 22.52
CA ASP A 218 34.33 -22.07 21.33
C ASP A 218 33.51 -22.92 20.38
N ASN A 219 32.26 -22.56 20.18
CA ASN A 219 31.38 -23.35 19.39
C ASN A 219 31.91 -23.50 17.97
N LEU A 220 32.37 -22.43 17.40
CA LEU A 220 32.78 -22.48 16.02
C LEU A 220 33.93 -23.48 15.82
N ALA A 221 34.85 -23.52 16.75
CA ALA A 221 35.96 -24.44 16.62
C ALA A 221 35.47 -25.88 16.56
N LYS A 222 34.43 -26.20 17.30
CA LYS A 222 33.91 -27.55 17.35
C LYS A 222 33.39 -28.00 16.01
N LEU A 223 33.06 -27.05 15.18
CA LEU A 223 32.47 -27.33 13.88
C LEU A 223 33.53 -27.43 12.80
N LYS A 224 34.78 -27.47 13.22
CA LYS A 224 35.86 -27.39 12.29
C LYS A 224 35.72 -28.49 11.23
N GLY A 225 35.86 -28.10 9.99
CA GLY A 225 35.81 -28.97 8.85
C GLY A 225 34.44 -29.18 8.23
N LEU A 226 33.43 -28.77 8.95
CA LEU A 226 32.08 -28.90 8.49
C LEU A 226 31.44 -27.65 7.86
N PHE A 227 32.20 -26.59 7.74
CA PHE A 227 31.71 -25.36 7.17
C PHE A 227 32.70 -24.76 6.20
N GLU A 228 32.21 -24.13 5.17
CA GLU A 228 33.04 -23.49 4.17
C GLU A 228 33.04 -21.94 4.22
N VAL A 229 32.01 -21.38 4.82
CA VAL A 229 31.82 -19.94 4.87
C VAL A 229 31.27 -19.54 6.21
N VAL A 230 31.75 -18.43 6.71
CA VAL A 230 31.16 -17.77 7.87
C VAL A 230 30.79 -16.30 7.62
N ILE A 231 29.66 -15.90 8.13
CA ILE A 231 29.18 -14.56 7.99
C ILE A 231 29.29 -13.90 9.35
N ALA A 232 30.10 -12.88 9.44
CA ALA A 232 30.36 -12.28 10.74
C ALA A 232 30.34 -10.78 10.75
N ASN A 233 29.82 -10.19 11.82
CA ASN A 233 29.80 -8.76 11.98
C ASN A 233 31.17 -8.15 12.16
N ASP A 234 31.97 -8.76 13.03
CA ASP A 234 33.30 -8.26 13.28
C ASP A 234 34.31 -9.07 12.50
N VAL A 235 34.69 -8.48 11.39
CA VAL A 235 35.50 -9.16 10.45
C VAL A 235 36.86 -9.50 11.04
N VAL A 236 37.49 -8.56 11.67
CA VAL A 236 38.81 -8.77 12.21
C VAL A 236 38.81 -9.85 13.30
N ARG A 237 37.83 -9.81 14.17
CA ARG A 237 37.78 -10.76 15.22
C ARG A 237 37.61 -12.15 14.66
N MET A 238 36.79 -12.29 13.64
CA MET A 238 36.63 -13.58 13.02
C MET A 238 37.90 -14.06 12.34
N ILE A 239 38.56 -13.18 11.65
CA ILE A 239 39.79 -13.55 11.00
C ILE A 239 40.85 -14.02 12.00
N GLU A 240 40.96 -13.31 13.11
CA GLU A 240 41.88 -13.68 14.16
C GLU A 240 41.57 -15.04 14.76
N TYR A 241 40.30 -15.32 14.99
CA TYR A 241 39.91 -16.57 15.54
C TYR A 241 40.26 -17.70 14.60
N LEU A 242 39.96 -17.54 13.34
CA LEU A 242 40.30 -18.54 12.35
C LEU A 242 41.83 -18.75 12.20
N LYS A 243 42.61 -17.70 12.27
CA LYS A 243 44.05 -17.86 12.21
C LYS A 243 44.53 -18.72 13.37
N LYS A 244 44.03 -18.42 14.54
CA LYS A 244 44.44 -19.11 15.75
C LYS A 244 44.18 -20.60 15.63
N LEU A 245 43.13 -20.95 14.91
CA LEU A 245 42.77 -22.32 14.66
C LEU A 245 43.50 -22.90 13.47
N GLY A 246 44.32 -22.11 12.83
CA GLY A 246 45.07 -22.60 11.69
C GLY A 246 44.26 -22.74 10.40
N LEU A 247 43.15 -22.03 10.34
CA LEU A 247 42.27 -22.05 9.18
C LEU A 247 42.43 -20.83 8.26
N ARG A 248 43.26 -19.89 8.67
CA ARG A 248 43.55 -18.70 7.91
C ARG A 248 45.03 -18.33 7.97
N MET B 1 -18.80 13.70 -12.07
CA MET B 1 -18.26 14.04 -10.76
C MET B 1 -18.74 15.39 -10.29
N TRP B 2 -17.87 16.39 -10.16
CA TRP B 2 -18.30 17.73 -9.74
C TRP B 2 -19.15 18.51 -10.79
N GLU B 3 -18.97 18.16 -12.04
CA GLU B 3 -19.71 18.80 -13.09
C GLU B 3 -20.83 17.94 -13.58
N ARG B 4 -22.05 18.31 -13.31
CA ARG B 4 -23.18 17.50 -13.69
C ARG B 4 -24.41 18.38 -13.80
N ASP B 5 -25.42 17.90 -14.49
CA ASP B 5 -26.64 18.64 -14.65
C ASP B 5 -27.40 18.86 -13.38
N ARG B 6 -27.55 17.84 -12.57
CA ARG B 6 -28.19 17.99 -11.30
C ARG B 6 -27.33 18.72 -10.24
N VAL B 7 -27.98 19.46 -9.39
CA VAL B 7 -27.33 20.07 -8.26
C VAL B 7 -26.88 18.97 -7.28
N ILE B 8 -25.71 19.18 -6.69
CA ILE B 8 -25.11 18.27 -5.78
C ILE B 8 -25.42 18.62 -4.34
N VAL B 9 -25.87 17.64 -3.57
CA VAL B 9 -26.14 17.83 -2.17
C VAL B 9 -25.06 17.13 -1.30
N LEU B 10 -24.38 17.88 -0.47
CA LEU B 10 -23.45 17.34 0.48
C LEU B 10 -23.94 17.44 1.93
N GLY B 11 -23.84 16.36 2.69
CA GLY B 11 -24.19 16.44 4.08
C GLY B 11 -23.11 17.20 4.86
N HIS B 12 -23.52 18.23 5.56
CA HIS B 12 -22.60 19.09 6.28
C HIS B 12 -22.15 18.35 7.52
N ARG B 13 -20.91 17.93 7.50
CA ARG B 13 -20.39 17.08 8.55
C ARG B 13 -21.25 15.83 8.63
N GLY B 14 -21.72 15.35 7.50
CA GLY B 14 -22.66 14.28 7.45
C GLY B 14 -24.10 14.75 7.56
N TYR B 15 -24.97 13.85 7.93
CA TYR B 15 -26.37 14.14 8.14
C TYR B 15 -26.47 14.61 9.55
N MET B 16 -25.85 15.75 9.81
CA MET B 16 -25.64 16.27 11.15
C MET B 16 -26.86 16.75 11.93
N SER B 17 -27.94 17.03 11.21
CA SER B 17 -29.17 17.36 11.85
C SER B 17 -29.66 16.18 12.67
N ASN B 18 -29.44 14.97 12.18
CA ASN B 18 -30.02 13.80 12.79
C ASN B 18 -29.01 12.86 13.47
N TYR B 19 -27.73 13.08 13.24
CA TYR B 19 -26.65 12.25 13.76
C TYR B 19 -25.44 13.10 14.21
N PRO B 20 -24.64 12.62 15.13
CA PRO B 20 -23.58 13.47 15.65
C PRO B 20 -22.59 13.85 14.57
N GLU B 21 -22.24 15.12 14.55
CA GLU B 21 -21.51 15.68 13.44
C GLU B 21 -20.14 15.04 13.28
N ASN B 22 -19.71 14.90 12.05
CA ASN B 22 -18.35 14.52 11.79
C ASN B 22 -17.99 13.14 12.34
N THR B 23 -18.94 12.25 12.29
CA THR B 23 -18.76 10.86 12.67
C THR B 23 -19.12 9.91 11.52
N LEU B 24 -18.62 8.69 11.58
CA LEU B 24 -18.93 7.73 10.55
C LEU B 24 -20.42 7.46 10.50
N LEU B 25 -21.08 7.49 11.62
CA LEU B 25 -22.51 7.28 11.61
C LEU B 25 -23.16 8.38 10.78
N ALA B 26 -22.72 9.59 11.02
CA ALA B 26 -23.27 10.72 10.30
C ALA B 26 -23.00 10.74 8.80
N PHE B 27 -21.79 10.40 8.41
CA PHE B 27 -21.49 10.30 7.02
C PHE B 27 -22.25 9.15 6.33
N ARG B 28 -22.26 7.99 6.94
CA ARG B 28 -22.98 6.87 6.38
C ARG B 28 -24.45 7.21 6.26
N LYS B 29 -24.99 7.86 7.25
CA LYS B 29 -26.41 8.15 7.19
C LYS B 29 -26.75 9.10 6.03
N ALA B 30 -25.83 10.03 5.77
CA ALA B 30 -26.02 10.98 4.67
C ALA B 30 -26.11 10.28 3.34
N VAL B 31 -25.21 9.37 3.11
CA VAL B 31 -25.24 8.54 1.94
C VAL B 31 -26.49 7.68 1.88
N GLU B 32 -26.85 7.09 2.99
CA GLU B 32 -27.98 6.22 3.03
C GLU B 32 -29.23 6.99 2.66
N ALA B 33 -29.26 8.26 3.03
CA ALA B 33 -30.42 9.10 2.83
C ALA B 33 -30.49 9.64 1.42
N GLY B 34 -29.53 9.28 0.59
CA GLY B 34 -29.51 9.75 -0.77
C GLY B 34 -28.70 10.97 -1.17
N ALA B 35 -27.92 11.49 -0.25
CA ALA B 35 -27.06 12.60 -0.51
C ALA B 35 -26.02 12.23 -1.54
N ASP B 36 -25.63 13.17 -2.36
CA ASP B 36 -24.57 12.95 -3.30
C ASP B 36 -23.22 12.76 -2.64
N GLY B 37 -23.04 13.32 -1.47
CA GLY B 37 -21.75 13.33 -0.83
C GLY B 37 -21.78 13.85 0.59
N ILE B 38 -20.60 14.13 1.08
CA ILE B 38 -20.39 14.68 2.40
C ILE B 38 -19.39 15.84 2.42
N GLU B 39 -19.51 16.70 3.41
CA GLU B 39 -18.48 17.67 3.77
C GLU B 39 -17.96 17.37 5.16
N LEU B 40 -16.68 17.62 5.35
CA LEU B 40 -16.01 17.34 6.60
C LEU B 40 -14.79 18.20 6.80
N ASP B 41 -14.37 18.30 8.05
CA ASP B 41 -13.31 19.18 8.46
C ASP B 41 -12.14 18.36 8.96
N VAL B 42 -10.92 18.70 8.57
CA VAL B 42 -9.75 17.96 8.98
C VAL B 42 -8.62 18.77 9.59
N TRP B 43 -7.92 18.10 10.49
CA TRP B 43 -6.79 18.59 11.26
C TRP B 43 -5.70 17.50 11.30
N LEU B 44 -4.48 17.87 11.61
CA LEU B 44 -3.40 16.91 11.75
C LEU B 44 -3.07 16.69 13.22
N THR B 45 -3.00 15.45 13.63
CA THR B 45 -2.69 15.08 15.00
C THR B 45 -1.23 15.32 15.29
N LYS B 46 -0.84 15.18 16.54
CA LYS B 46 0.55 15.34 16.89
C LYS B 46 1.40 14.32 16.14
N ASP B 47 0.88 13.15 15.95
CA ASP B 47 1.60 12.09 15.34
C ASP B 47 1.35 11.96 13.84
N GLY B 48 0.89 13.02 13.21
CA GLY B 48 0.76 13.08 11.77
C GLY B 48 -0.37 12.33 11.10
N ARG B 49 -1.45 12.08 11.82
CA ARG B 49 -2.62 11.51 11.21
C ARG B 49 -3.66 12.61 10.94
N VAL B 50 -4.52 12.36 9.98
CA VAL B 50 -5.55 13.29 9.62
C VAL B 50 -6.86 12.90 10.29
N VAL B 51 -7.32 13.73 11.20
CA VAL B 51 -8.56 13.47 11.89
C VAL B 51 -9.71 14.47 11.59
N VAL B 52 -10.93 14.04 11.82
CA VAL B 52 -12.10 14.81 11.46
C VAL B 52 -12.65 15.45 12.70
N MET B 53 -12.52 16.77 12.76
CA MET B 53 -13.07 17.56 13.83
C MET B 53 -13.35 18.97 13.30
N HIS B 54 -14.51 19.54 13.61
CA HIS B 54 -14.72 20.92 13.21
C HIS B 54 -13.95 21.98 14.02
N ASP B 55 -14.15 22.03 15.32
CA ASP B 55 -13.47 22.98 16.19
C ASP B 55 -11.97 22.64 16.30
N GLU B 56 -11.22 23.60 16.80
CA GLU B 56 -9.82 23.47 17.12
C GLU B 56 -9.58 22.61 18.38
N THR B 57 -10.63 22.36 19.13
CA THR B 57 -10.57 21.46 20.24
C THR B 57 -11.72 20.48 20.25
N ILE B 58 -11.56 19.39 20.95
CA ILE B 58 -12.52 18.32 20.98
C ILE B 58 -13.61 18.54 22.03
N ASP B 59 -13.55 19.62 22.76
CA ASP B 59 -14.40 19.83 23.90
C ASP B 59 -15.91 19.85 23.60
N ARG B 60 -16.32 20.54 22.56
CA ARG B 60 -17.74 20.71 22.32
C ARG B 60 -18.43 19.41 21.99
N THR B 61 -17.85 18.65 21.10
CA THR B 61 -18.47 17.46 20.57
C THR B 61 -18.06 16.14 21.25
N SER B 62 -17.17 16.19 22.22
CA SER B 62 -16.65 14.99 22.85
C SER B 62 -16.75 15.01 24.36
N ASN B 63 -16.48 13.87 24.96
CA ASN B 63 -16.51 13.71 26.40
C ASN B 63 -15.13 13.89 26.98
N MET B 64 -14.28 14.50 26.18
CA MET B 64 -12.91 14.83 26.55
C MET B 64 -12.54 16.28 26.15
N LYS B 65 -11.33 16.70 26.46
CA LYS B 65 -10.88 18.05 26.18
C LYS B 65 -9.51 18.11 25.53
N GLY B 66 -9.26 19.20 24.83
CA GLY B 66 -7.95 19.48 24.29
C GLY B 66 -7.87 19.73 22.80
N ARG B 67 -6.71 20.20 22.36
CA ARG B 67 -6.46 20.46 20.97
C ARG B 67 -5.94 19.22 20.28
N GLN B 68 -6.63 18.82 19.24
CA GLN B 68 -6.28 17.62 18.56
C GLN B 68 -4.89 17.71 17.95
N LYS B 69 -4.45 18.91 17.66
CA LYS B 69 -3.15 19.14 17.10
C LYS B 69 -2.05 18.70 18.07
N ASP B 70 -2.38 18.74 19.35
CA ASP B 70 -1.43 18.39 20.40
C ASP B 70 -1.64 16.98 20.97
N MET B 71 -2.43 16.17 20.30
CA MET B 71 -2.78 14.87 20.78
C MET B 71 -2.48 13.86 19.73
N THR B 72 -2.20 12.64 20.13
CA THR B 72 -1.99 11.55 19.23
C THR B 72 -3.30 10.93 18.85
N LEU B 73 -3.30 10.18 17.78
CA LEU B 73 -4.50 9.51 17.34
C LEU B 73 -4.95 8.53 18.41
N GLU B 74 -3.99 7.86 19.02
CA GLU B 74 -4.33 6.91 20.05
C GLU B 74 -5.02 7.62 21.19
N GLU B 75 -4.56 8.78 21.58
CA GLU B 75 -5.25 9.52 22.61
C GLU B 75 -6.67 9.93 22.19
N LEU B 76 -6.79 10.42 20.98
CA LEU B 76 -8.04 10.89 20.42
C LEU B 76 -9.07 9.77 20.33
N LYS B 77 -8.60 8.56 20.09
CA LYS B 77 -9.44 7.40 19.92
C LYS B 77 -10.12 6.96 21.24
N LYS B 78 -9.68 7.53 22.33
CA LYS B 78 -10.34 7.39 23.63
C LYS B 78 -11.69 8.09 23.76
N ALA B 79 -11.86 9.13 22.97
CA ALA B 79 -13.00 10.03 23.05
C ALA B 79 -14.26 9.44 22.49
N ASP B 80 -15.37 9.90 23.05
CA ASP B 80 -16.68 9.63 22.54
C ASP B 80 -17.17 10.94 21.93
N VAL B 81 -17.46 10.91 20.65
CA VAL B 81 -17.93 12.08 19.92
C VAL B 81 -19.43 11.96 19.61
N GLY B 82 -20.12 11.23 20.49
CA GLY B 82 -21.54 11.07 20.43
C GLY B 82 -22.08 9.68 20.22
N GLN B 83 -22.81 9.24 21.20
CA GLN B 83 -23.47 7.96 21.13
C GLN B 83 -22.44 6.84 20.83
N GLY B 84 -21.23 7.03 21.31
CA GLY B 84 -20.21 6.02 21.22
C GLY B 84 -19.35 6.08 20.00
N GLU B 85 -19.68 6.99 19.11
CA GLU B 85 -18.89 7.20 17.93
C GLU B 85 -17.50 7.67 18.28
N ARG B 86 -16.53 7.25 17.51
CA ARG B 86 -15.17 7.69 17.67
C ARG B 86 -14.79 8.75 16.63
N ILE B 87 -13.74 9.50 16.89
CA ILE B 87 -13.26 10.49 15.98
C ILE B 87 -12.67 9.72 14.81
N PRO B 88 -13.09 9.97 13.60
CA PRO B 88 -12.52 9.24 12.47
C PRO B 88 -11.26 9.83 11.96
N THR B 89 -10.41 9.03 11.38
CA THR B 89 -9.39 9.48 10.45
C THR B 89 -9.97 9.67 9.05
N LEU B 90 -9.24 10.38 8.22
CA LEU B 90 -9.70 10.57 6.86
C LEU B 90 -9.82 9.22 6.15
N GLU B 91 -8.89 8.31 6.40
CA GLU B 91 -8.95 7.00 5.78
C GLU B 91 -10.18 6.26 6.20
N GLU B 92 -10.53 6.42 7.45
CA GLU B 92 -11.69 5.76 7.93
C GLU B 92 -12.93 6.25 7.16
N VAL B 93 -12.98 7.54 6.90
CA VAL B 93 -14.13 8.07 6.19
C VAL B 93 -14.26 7.51 4.78
N PHE B 94 -13.18 7.48 4.05
CA PHE B 94 -13.21 6.88 2.73
C PHE B 94 -13.59 5.41 2.74
N GLU B 95 -13.19 4.68 3.74
CA GLU B 95 -13.57 3.31 3.88
C GLU B 95 -15.06 3.15 4.08
N ALA B 96 -15.68 4.09 4.75
CA ALA B 96 -17.05 3.97 5.15
C ALA B 96 -18.11 4.23 4.10
N ILE B 97 -17.72 4.78 2.97
CA ILE B 97 -18.66 5.30 1.99
C ILE B 97 -18.28 4.86 0.60
N PRO B 98 -19.19 4.97 -0.35
CA PRO B 98 -18.95 4.43 -1.68
C PRO B 98 -17.83 5.13 -2.40
N ARG B 99 -17.18 4.42 -3.31
CA ARG B 99 -16.02 4.96 -3.98
C ARG B 99 -16.34 6.19 -4.83
N ASN B 100 -17.58 6.28 -5.25
CA ASN B 100 -18.03 7.35 -6.11
C ASN B 100 -18.72 8.52 -5.40
N ALA B 101 -18.77 8.45 -4.08
CA ALA B 101 -19.40 9.48 -3.29
C ALA B 101 -18.55 10.74 -3.34
N LEU B 102 -19.20 11.88 -3.40
CA LEU B 102 -18.48 13.15 -3.41
C LEU B 102 -18.05 13.52 -2.01
N VAL B 103 -16.82 13.92 -1.87
CA VAL B 103 -16.30 14.32 -0.60
C VAL B 103 -15.61 15.67 -0.65
N ASN B 104 -16.06 16.59 0.18
CA ASN B 104 -15.41 17.87 0.27
C ASN B 104 -14.73 18.00 1.59
N VAL B 105 -13.44 17.91 1.54
CA VAL B 105 -12.62 18.01 2.70
C VAL B 105 -12.27 19.47 2.96
N GLU B 106 -12.71 20.01 4.07
CA GLU B 106 -12.36 21.37 4.43
C GLU B 106 -11.11 21.36 5.28
N LEU B 107 -10.05 21.99 4.81
CA LEU B 107 -8.84 22.02 5.56
C LEU B 107 -9.00 23.04 6.63
N LYS B 108 -8.94 22.62 7.89
CA LYS B 108 -8.94 23.57 8.96
C LYS B 108 -7.53 23.84 9.43
N ASP B 109 -6.59 23.06 8.96
CA ASP B 109 -5.22 23.11 9.42
C ASP B 109 -4.26 23.07 8.21
N ARG B 110 -3.43 24.08 8.03
CA ARG B 110 -2.46 24.04 6.92
C ARG B 110 -1.52 22.88 7.03
N ASP B 111 -1.28 22.45 8.25
CA ASP B 111 -0.37 21.35 8.55
C ASP B 111 -0.84 20.04 7.91
N ALA B 112 -2.14 19.93 7.66
CA ALA B 112 -2.72 18.68 7.20
C ALA B 112 -2.70 18.53 5.71
N ALA B 113 -2.28 19.58 5.05
CA ALA B 113 -2.48 19.67 3.64
C ALA B 113 -1.76 18.58 2.87
N ARG B 114 -0.53 18.33 3.22
CA ARG B 114 0.24 17.32 2.53
C ARG B 114 -0.27 15.90 2.66
N GLU B 115 -0.56 15.49 3.87
CA GLU B 115 -1.07 14.17 4.13
C GLU B 115 -2.43 13.96 3.50
N VAL B 116 -3.23 15.00 3.52
CA VAL B 116 -4.54 14.89 2.94
C VAL B 116 -4.35 14.57 1.46
N ALA B 117 -3.41 15.23 0.83
CA ALA B 117 -3.14 15.01 -0.58
C ALA B 117 -2.74 13.58 -0.83
N GLU B 118 -1.93 13.04 0.06
CA GLU B 118 -1.53 11.67 -0.08
C GLU B 118 -2.71 10.73 0.00
N ILE B 119 -3.56 10.92 0.99
CA ILE B 119 -4.70 10.07 1.19
C ILE B 119 -5.66 10.16 0.02
N VAL B 120 -5.85 11.37 -0.44
CA VAL B 120 -6.76 11.68 -1.50
C VAL B 120 -6.35 10.97 -2.79
N ALA B 121 -5.05 10.87 -2.99
CA ALA B 121 -4.49 10.19 -4.14
C ALA B 121 -4.86 8.72 -4.21
N GLU B 122 -4.99 8.10 -3.05
CA GLU B 122 -5.32 6.70 -2.94
C GLU B 122 -6.80 6.46 -2.94
N ASN B 123 -7.58 7.53 -2.92
CA ASN B 123 -8.99 7.39 -2.73
C ASN B 123 -9.93 8.01 -3.75
N ASN B 124 -9.55 7.95 -5.01
CA ASN B 124 -10.35 8.49 -6.07
C ASN B 124 -10.65 9.96 -6.17
N PRO B 125 -9.60 10.74 -6.23
CA PRO B 125 -9.65 12.20 -6.25
C PRO B 125 -10.66 12.86 -7.18
N GLU B 126 -11.12 12.14 -8.19
CA GLU B 126 -12.13 12.67 -9.06
C GLU B 126 -13.39 13.05 -8.25
N ARG B 127 -13.60 12.42 -7.11
CA ARG B 127 -14.76 12.69 -6.33
C ARG B 127 -14.52 13.54 -5.11
N VAL B 128 -13.32 14.06 -5.01
CA VAL B 128 -12.94 14.89 -3.92
C VAL B 128 -12.85 16.37 -4.29
N MET B 129 -13.32 17.25 -3.40
CA MET B 129 -13.04 18.67 -3.41
C MET B 129 -12.28 19.07 -2.16
N ILE B 130 -11.25 19.85 -2.34
CA ILE B 130 -10.56 20.48 -1.25
C ILE B 130 -11.03 21.95 -1.11
N SER B 131 -11.47 22.35 0.07
CA SER B 131 -11.82 23.74 0.32
C SER B 131 -11.25 24.22 1.63
N SER B 132 -11.13 25.52 1.81
CA SER B 132 -10.82 26.12 3.10
C SER B 132 -11.11 27.61 3.15
N PHE B 133 -11.32 28.15 4.34
CA PHE B 133 -11.32 29.58 4.52
C PHE B 133 -9.91 30.12 4.45
N ASP B 134 -8.95 29.28 4.78
CA ASP B 134 -7.60 29.71 4.96
C ASP B 134 -6.80 29.60 3.68
N ILE B 135 -6.50 30.72 3.09
CA ILE B 135 -5.85 30.75 1.82
C ILE B 135 -4.49 30.05 1.87
N ASP B 136 -3.77 30.22 2.97
CA ASP B 136 -2.48 29.62 3.15
C ASP B 136 -2.58 28.10 3.12
N ALA B 137 -3.63 27.54 3.69
CA ALA B 137 -3.84 26.12 3.63
C ALA B 137 -4.03 25.61 2.20
N LEU B 138 -4.76 26.39 1.43
CA LEU B 138 -5.01 26.05 0.03
C LEU B 138 -3.69 26.04 -0.73
N ARG B 139 -2.87 27.03 -0.49
CA ARG B 139 -1.62 27.12 -1.19
C ARG B 139 -0.75 25.92 -0.90
N GLU B 140 -0.73 25.54 0.37
CA GLU B 140 0.07 24.42 0.78
C GLU B 140 -0.44 23.17 0.06
N TYR B 141 -1.74 22.99 -0.03
CA TYR B 141 -2.26 21.84 -0.73
C TYR B 141 -1.76 21.82 -2.15
N ARG B 142 -1.76 22.96 -2.79
CA ARG B 142 -1.42 23.08 -4.20
C ARG B 142 0.00 22.67 -4.48
N LYS B 143 0.87 22.79 -3.49
CA LYS B 143 2.26 22.42 -3.65
C LYS B 143 2.35 20.94 -3.97
N TYR B 144 1.33 20.18 -3.58
CA TYR B 144 1.31 18.74 -3.73
C TYR B 144 0.26 18.12 -4.68
N ASP B 145 -0.89 18.74 -4.82
CA ASP B 145 -1.93 18.28 -5.70
C ASP B 145 -2.50 19.46 -6.45
N ASP B 146 -2.14 19.65 -7.70
CA ASP B 146 -2.61 20.76 -8.49
C ASP B 146 -3.75 20.38 -9.42
N GLU B 147 -4.26 19.18 -9.30
CA GLU B 147 -5.37 18.77 -10.13
C GLU B 147 -6.72 18.72 -9.44
N THR B 148 -6.71 18.36 -8.17
CA THR B 148 -7.95 18.08 -7.47
C THR B 148 -8.82 19.33 -7.37
N THR B 149 -10.13 19.17 -7.52
CA THR B 149 -11.05 20.25 -7.50
C THR B 149 -10.90 20.98 -6.20
N MET B 150 -10.79 22.30 -6.30
CA MET B 150 -10.65 23.17 -5.16
C MET B 150 -11.66 24.32 -5.11
N GLY B 151 -12.07 24.65 -3.90
CA GLY B 151 -12.94 25.75 -3.65
C GLY B 151 -12.48 26.62 -2.50
N LEU B 152 -12.71 27.90 -2.63
CA LEU B 152 -12.37 28.83 -1.62
C LEU B 152 -13.63 29.21 -0.81
N LEU B 153 -13.56 29.01 0.49
CA LEU B 153 -14.61 29.41 1.40
C LEU B 153 -14.52 30.89 1.68
N ILE B 154 -15.65 31.58 1.68
CA ILE B 154 -15.67 32.99 1.95
C ILE B 154 -16.75 33.40 2.94
N ASP B 155 -16.36 34.09 3.99
CA ASP B 155 -17.33 34.75 4.85
C ASP B 155 -17.08 36.21 5.11
N ARG B 156 -16.20 36.82 4.34
CA ARG B 156 -15.90 38.22 4.49
C ARG B 156 -15.95 38.92 3.17
N GLU B 157 -16.56 40.09 3.19
CA GLU B 157 -16.81 40.88 2.00
C GLU B 157 -15.49 41.25 1.35
N GLU B 158 -14.52 41.50 2.18
CA GLU B 158 -13.26 42.03 1.76
C GLU B 158 -12.53 41.09 0.83
N VAL B 159 -12.87 39.82 0.89
CA VAL B 159 -12.29 38.81 0.02
C VAL B 159 -12.70 38.88 -1.43
N VAL B 160 -13.89 39.36 -1.68
CA VAL B 160 -14.48 39.23 -2.99
C VAL B 160 -13.65 39.84 -4.12
N PRO B 161 -13.09 41.02 -3.93
CA PRO B 161 -12.24 41.65 -4.93
C PRO B 161 -10.99 40.84 -5.22
N LEU B 162 -10.55 40.05 -4.25
CA LEU B 162 -9.41 39.21 -4.42
C LEU B 162 -9.65 38.01 -5.29
N ILE B 163 -10.88 37.71 -5.62
CA ILE B 163 -11.15 36.43 -6.22
C ILE B 163 -10.41 36.18 -7.52
N PRO B 164 -10.32 37.15 -8.40
CA PRO B 164 -9.76 36.87 -9.72
C PRO B 164 -8.34 36.40 -9.64
N LYS B 165 -7.54 37.06 -8.83
CA LYS B 165 -6.20 36.59 -8.60
C LYS B 165 -6.07 35.23 -7.93
N LEU B 166 -6.82 35.01 -6.89
CA LEU B 166 -6.77 33.75 -6.18
C LEU B 166 -7.21 32.63 -7.07
N LYS B 167 -8.20 32.90 -7.90
CA LYS B 167 -8.67 31.87 -8.76
C LYS B 167 -7.54 31.41 -9.67
N ASP B 168 -6.82 32.35 -10.24
CA ASP B 168 -5.67 32.04 -11.08
C ASP B 168 -4.51 31.43 -10.36
N GLU B 169 -4.18 31.92 -9.19
CA GLU B 169 -3.11 31.36 -8.40
C GLU B 169 -3.37 29.93 -7.95
N LEU B 170 -4.53 29.71 -7.38
CA LEU B 170 -4.88 28.43 -6.81
C LEU B 170 -5.60 27.48 -7.75
N ASN B 171 -5.91 27.97 -8.94
CA ASN B 171 -6.69 27.18 -9.85
C ASN B 171 -8.04 26.72 -9.25
N LEU B 172 -8.82 27.66 -8.75
CA LEU B 172 -10.05 27.32 -8.10
C LEU B 172 -11.12 26.82 -9.05
N TRP B 173 -11.82 25.77 -8.72
CA TRP B 173 -13.07 25.39 -9.36
C TRP B 173 -14.29 26.25 -9.00
N SER B 174 -14.38 26.61 -7.74
CA SER B 174 -15.52 27.27 -7.19
C SER B 174 -15.14 28.21 -6.08
N VAL B 175 -16.06 29.09 -5.74
CA VAL B 175 -16.04 29.77 -4.48
C VAL B 175 -17.25 29.31 -3.67
N ASN B 176 -17.08 29.21 -2.36
CA ASN B 176 -18.05 28.60 -1.49
C ASN B 176 -18.59 29.67 -0.52
N VAL B 177 -19.82 30.08 -0.73
CA VAL B 177 -20.33 31.32 -0.15
C VAL B 177 -21.67 31.13 0.54
N PRO B 178 -21.99 31.99 1.48
CA PRO B 178 -23.13 31.79 2.36
C PRO B 178 -24.39 32.54 1.98
N MET B 179 -25.52 31.95 2.34
CA MET B 179 -26.83 32.48 2.11
C MET B 179 -27.00 33.77 2.88
N GLU B 180 -26.16 33.98 3.87
CA GLU B 180 -26.22 35.12 4.75
C GLU B 180 -26.01 36.37 3.95
N ALA B 181 -25.46 36.22 2.77
CA ALA B 181 -25.21 37.31 1.89
C ALA B 181 -26.52 38.03 1.63
N ILE B 182 -27.59 37.26 1.49
CA ILE B 182 -28.83 37.84 1.13
C ILE B 182 -29.43 38.80 2.15
N PRO B 183 -29.60 38.40 3.38
CA PRO B 183 -30.06 39.37 4.37
C PRO B 183 -29.06 40.49 4.59
N LEU B 184 -27.79 40.23 4.38
CA LEU B 184 -26.82 41.26 4.55
C LEU B 184 -26.78 42.38 3.51
N ILE B 185 -26.57 42.02 2.26
CA ILE B 185 -26.54 43.00 1.18
C ILE B 185 -27.72 43.02 0.25
N GLY B 186 -28.70 42.18 0.46
CA GLY B 186 -29.89 42.14 -0.33
C GLY B 186 -29.79 41.23 -1.53
N LEU B 187 -30.93 40.79 -2.01
CA LEU B 187 -30.94 39.86 -3.07
C LEU B 187 -30.28 40.41 -4.31
N GLU B 188 -30.54 41.66 -4.63
CA GLU B 188 -30.10 42.19 -5.90
C GLU B 188 -28.60 42.18 -5.99
N LYS B 189 -27.97 42.71 -4.96
CA LYS B 189 -26.53 42.66 -4.91
C LYS B 189 -25.94 41.26 -4.78
N THR B 190 -26.66 40.39 -4.10
CA THR B 190 -26.21 39.05 -4.01
C THR B 190 -26.18 38.39 -5.39
N LEU B 191 -27.23 38.56 -6.15
CA LEU B 191 -27.27 38.03 -7.49
C LEU B 191 -26.15 38.62 -8.33
N GLN B 192 -25.88 39.89 -8.17
CA GLN B 192 -24.88 40.51 -8.97
C GLN B 192 -23.51 39.92 -8.70
N ALA B 193 -23.26 39.72 -7.43
CA ALA B 193 -22.02 39.17 -7.00
C ALA B 193 -21.87 37.76 -7.52
N LEU B 194 -22.95 37.00 -7.50
CA LEU B 194 -22.91 35.65 -8.03
C LEU B 194 -22.63 35.62 -9.50
N HIS B 195 -23.29 36.52 -10.20
CA HIS B 195 -23.07 36.62 -11.62
C HIS B 195 -21.61 36.97 -11.83
N TRP B 196 -21.08 37.83 -10.99
CA TRP B 196 -19.71 38.26 -11.17
C TRP B 196 -18.74 37.11 -11.03
N VAL B 197 -18.86 36.34 -9.98
CA VAL B 197 -17.91 35.24 -9.82
C VAL B 197 -18.05 34.23 -10.94
N ARG B 198 -19.27 34.00 -11.37
CA ARG B 198 -19.51 33.11 -12.47
C ARG B 198 -18.92 33.63 -13.78
N SER B 199 -18.83 34.95 -13.91
CA SER B 199 -18.22 35.55 -15.09
C SER B 199 -16.74 35.22 -15.19
N LEU B 200 -16.17 34.86 -14.06
CA LEU B 200 -14.78 34.52 -13.93
C LEU B 200 -14.48 33.10 -14.30
N GLY B 201 -15.53 32.36 -14.55
CA GLY B 201 -15.47 30.93 -14.75
C GLY B 201 -15.66 30.02 -13.54
N LEU B 202 -15.93 30.56 -12.38
CA LEU B 202 -16.17 29.80 -11.20
C LEU B 202 -17.52 29.12 -11.13
N LYS B 203 -17.54 27.92 -10.61
CA LYS B 203 -18.74 27.31 -10.09
C LYS B 203 -18.97 27.77 -8.66
N VAL B 204 -20.12 27.43 -8.13
CA VAL B 204 -20.52 27.97 -6.88
C VAL B 204 -21.05 26.90 -5.92
N VAL B 205 -20.57 26.96 -4.69
CA VAL B 205 -21.05 26.12 -3.61
C VAL B 205 -21.72 27.04 -2.58
N LEU B 206 -22.91 26.68 -2.13
CA LEU B 206 -23.64 27.41 -1.13
C LEU B 206 -23.70 26.69 0.21
N TRP B 207 -23.55 27.44 1.28
CA TRP B 207 -23.61 26.98 2.66
C TRP B 207 -24.30 28.05 3.53
N THR B 208 -24.69 27.70 4.72
CA THR B 208 -25.29 28.66 5.62
C THR B 208 -25.20 28.15 7.05
N GLU B 209 -25.57 28.95 8.01
CA GLU B 209 -25.49 28.50 9.39
C GLU B 209 -26.75 27.73 9.75
N ASN B 210 -26.60 26.43 9.88
CA ASN B 210 -27.65 25.54 10.29
C ASN B 210 -28.88 25.58 9.39
N ASP B 211 -28.67 25.73 8.11
CA ASP B 211 -29.67 25.49 7.10
C ASP B 211 -30.88 26.47 6.96
N VAL B 212 -30.89 27.51 7.75
CA VAL B 212 -32.12 28.21 7.99
C VAL B 212 -32.35 29.10 6.77
N LEU B 213 -31.31 29.78 6.34
CA LEU B 213 -31.39 30.75 5.27
C LEU B 213 -31.53 30.14 3.89
N PHE B 214 -31.34 28.85 3.75
CA PHE B 214 -31.63 28.17 2.48
C PHE B 214 -33.12 28.31 2.17
N TYR B 215 -33.92 28.13 3.18
CA TYR B 215 -35.35 28.00 3.03
C TYR B 215 -36.21 29.22 3.41
N LYS B 216 -35.69 30.04 4.27
CA LYS B 216 -36.40 31.20 4.66
C LYS B 216 -36.68 32.07 3.45
N ASP B 217 -37.94 32.42 3.29
CA ASP B 217 -38.33 33.33 2.26
C ASP B 217 -38.10 32.68 0.92
N ASP B 218 -37.94 31.37 0.88
CA ASP B 218 -37.51 30.67 -0.34
C ASP B 218 -36.23 31.22 -0.95
N ASN B 219 -35.26 31.53 -0.14
CA ASN B 219 -34.10 32.17 -0.64
C ASN B 219 -33.41 31.33 -1.70
N LEU B 220 -33.28 30.05 -1.48
CA LEU B 220 -32.50 29.25 -2.38
C LEU B 220 -33.05 29.24 -3.80
N ALA B 221 -34.35 29.23 -3.93
CA ALA B 221 -35.04 29.26 -5.21
C ALA B 221 -34.64 30.49 -6.02
N LYS B 222 -34.43 31.57 -5.33
CA LYS B 222 -34.09 32.79 -5.98
C LYS B 222 -32.76 32.68 -6.75
N LEU B 223 -31.93 31.75 -6.33
CA LEU B 223 -30.58 31.64 -6.87
C LEU B 223 -30.47 30.56 -7.91
N LYS B 224 -31.61 30.03 -8.27
CA LYS B 224 -31.62 28.85 -9.11
C LYS B 224 -30.85 29.12 -10.37
N GLY B 225 -30.08 28.13 -10.75
CA GLY B 225 -29.17 28.15 -11.86
C GLY B 225 -27.82 28.76 -11.57
N LEU B 226 -27.70 29.41 -10.43
CA LEU B 226 -26.48 30.06 -10.03
C LEU B 226 -25.51 29.27 -9.14
N PHE B 227 -25.90 28.06 -8.78
CA PHE B 227 -25.13 27.20 -7.90
C PHE B 227 -25.12 25.75 -8.33
N GLU B 228 -23.98 25.11 -8.13
CA GLU B 228 -23.75 23.72 -8.44
C GLU B 228 -23.80 22.75 -7.27
N VAL B 229 -23.48 23.25 -6.08
CA VAL B 229 -23.37 22.45 -4.89
C VAL B 229 -24.06 23.14 -3.71
N VAL B 230 -24.69 22.37 -2.88
CA VAL B 230 -25.14 22.86 -1.60
C VAL B 230 -24.64 21.92 -0.47
N ILE B 231 -24.22 22.54 0.62
CA ILE B 231 -23.85 21.87 1.83
C ILE B 231 -24.95 22.07 2.85
N ALA B 232 -25.58 21.00 3.28
CA ALA B 232 -26.74 21.06 4.16
C ALA B 232 -26.69 20.11 5.36
N ASN B 233 -27.14 20.56 6.52
CA ASN B 233 -27.24 19.75 7.71
C ASN B 233 -28.22 18.63 7.59
N ASP B 234 -29.42 18.96 7.14
CA ASP B 234 -30.45 17.98 6.94
C ASP B 234 -30.55 17.62 5.48
N VAL B 235 -29.98 16.51 5.17
CA VAL B 235 -29.84 16.08 3.84
C VAL B 235 -31.20 15.80 3.15
N VAL B 236 -32.13 15.22 3.86
CA VAL B 236 -33.46 14.92 3.31
C VAL B 236 -34.28 16.14 2.94
N ARG B 237 -34.25 17.14 3.79
CA ARG B 237 -34.97 18.34 3.57
C ARG B 237 -34.46 18.99 2.30
N MET B 238 -33.16 19.07 2.16
CA MET B 238 -32.59 19.65 0.97
C MET B 238 -32.91 18.84 -0.28
N ILE B 239 -32.89 17.54 -0.19
CA ILE B 239 -33.17 16.72 -1.32
C ILE B 239 -34.59 16.97 -1.76
N GLU B 240 -35.52 17.04 -0.83
CA GLU B 240 -36.88 17.34 -1.22
C GLU B 240 -37.01 18.71 -1.91
N TYR B 241 -36.37 19.70 -1.35
CA TYR B 241 -36.46 21.06 -1.82
C TYR B 241 -35.91 21.24 -3.23
N LEU B 242 -34.76 20.66 -3.50
CA LEU B 242 -34.21 20.69 -4.86
C LEU B 242 -35.10 19.94 -5.84
N LYS B 243 -35.72 18.88 -5.38
CA LYS B 243 -36.66 18.19 -6.18
C LYS B 243 -37.83 19.10 -6.53
N LYS B 244 -38.26 19.86 -5.57
CA LYS B 244 -39.33 20.79 -5.75
C LYS B 244 -38.95 21.81 -6.82
N LEU B 245 -37.70 22.21 -6.86
CA LEU B 245 -37.25 23.24 -7.75
C LEU B 245 -36.93 22.67 -9.11
N GLY B 246 -37.07 21.37 -9.24
CA GLY B 246 -36.64 20.67 -10.42
C GLY B 246 -35.15 20.66 -10.70
N LEU B 247 -34.35 20.89 -9.67
CA LEU B 247 -32.93 20.99 -9.81
C LEU B 247 -32.11 19.71 -9.57
N ARG B 248 -32.73 18.67 -9.06
CA ARG B 248 -32.00 17.45 -8.82
C ARG B 248 -32.89 16.22 -9.01
N MET C 1 9.02 -14.42 19.91
CA MET C 1 8.09 -13.33 20.20
C MET C 1 7.08 -13.81 21.21
N TRP C 2 6.59 -14.99 20.96
CA TRP C 2 5.83 -15.73 21.91
C TRP C 2 6.77 -16.50 22.84
N GLU C 3 8.05 -16.49 22.51
CA GLU C 3 8.99 -17.09 23.42
C GLU C 3 9.54 -16.04 24.34
N ARG C 4 9.23 -16.14 25.60
CA ARG C 4 9.85 -15.29 26.58
C ARG C 4 9.86 -15.95 27.95
N ASP C 5 10.73 -15.50 28.83
CA ASP C 5 10.79 -16.03 30.16
C ASP C 5 9.54 -15.73 30.98
N ARG C 6 9.04 -14.51 30.87
CA ARG C 6 7.81 -14.17 31.55
C ARG C 6 6.59 -14.75 30.86
N VAL C 7 5.60 -15.09 31.65
CA VAL C 7 4.33 -15.54 31.16
C VAL C 7 3.60 -14.43 30.42
N ILE C 8 2.93 -14.79 29.36
CA ILE C 8 2.22 -13.84 28.54
C ILE C 8 0.76 -13.76 28.93
N VAL C 9 0.25 -12.55 29.09
CA VAL C 9 -1.14 -12.35 29.36
C VAL C 9 -1.84 -11.70 28.16
N LEU C 10 -2.90 -12.33 27.69
CA LEU C 10 -3.72 -11.85 26.63
C LEU C 10 -5.14 -11.58 27.13
N GLY C 11 -5.74 -10.49 26.67
CA GLY C 11 -7.11 -10.18 27.01
C GLY C 11 -8.03 -11.00 26.15
N HIS C 12 -8.87 -11.78 26.80
CA HIS C 12 -9.78 -12.68 26.12
C HIS C 12 -10.89 -11.83 25.55
N ARG C 13 -10.86 -11.68 24.24
CA ARG C 13 -11.78 -10.82 23.56
C ARG C 13 -11.51 -9.42 24.07
N GLY C 14 -10.26 -9.15 24.40
CA GLY C 14 -9.95 -7.95 25.10
C GLY C 14 -10.14 -8.02 26.59
N TYR C 15 -10.29 -6.87 27.20
CA TYR C 15 -10.42 -6.77 28.63
C TYR C 15 -11.87 -6.91 28.92
N MET C 16 -12.42 -8.06 28.57
CA MET C 16 -13.84 -8.27 28.57
C MET C 16 -14.54 -8.31 29.93
N SER C 17 -13.78 -8.41 31.00
CA SER C 17 -14.33 -8.27 32.34
C SER C 17 -14.89 -6.86 32.56
N ASN C 18 -14.24 -5.87 31.97
CA ASN C 18 -14.56 -4.48 32.21
C ASN C 18 -15.08 -3.67 31.01
N TYR C 19 -15.05 -4.27 29.83
CA TYR C 19 -15.46 -3.63 28.61
C TYR C 19 -16.18 -4.61 27.72
N PRO C 20 -16.94 -4.12 26.77
CA PRO C 20 -17.67 -5.04 25.90
C PRO C 20 -16.71 -5.94 25.12
N GLU C 21 -16.96 -7.18 25.04
CA GLU C 21 -16.12 -8.19 24.41
C GLU C 21 -15.90 -7.96 22.93
N ASN C 22 -14.83 -8.26 22.46
CA ASN C 22 -14.57 -8.23 21.04
C ASN C 22 -14.86 -6.85 20.38
N THR C 23 -14.53 -5.78 21.07
CA THR C 23 -14.64 -4.45 20.53
C THR C 23 -13.31 -3.74 20.61
N LEU C 24 -13.14 -2.73 19.78
CA LEU C 24 -11.92 -1.95 19.75
C LEU C 24 -11.69 -1.33 21.13
N LEU C 25 -12.76 -0.92 21.79
CA LEU C 25 -12.61 -0.39 23.12
C LEU C 25 -12.04 -1.43 24.09
N ALA C 26 -12.53 -2.64 24.03
CA ALA C 26 -12.00 -3.72 24.87
C ALA C 26 -10.51 -4.05 24.55
N PHE C 27 -10.20 -4.09 23.28
CA PHE C 27 -8.85 -4.36 22.87
C PHE C 27 -7.91 -3.26 23.34
N ARG C 28 -8.25 -2.02 23.17
CA ARG C 28 -7.41 -0.90 23.56
C ARG C 28 -7.16 -0.90 25.05
N LYS C 29 -8.21 -1.16 25.76
CA LYS C 29 -8.21 -1.14 27.22
C LYS C 29 -7.33 -2.24 27.76
N ALA C 30 -7.33 -3.36 27.06
CA ALA C 30 -6.51 -4.47 27.47
C ALA C 30 -5.03 -4.10 27.40
N VAL C 31 -4.64 -3.47 26.31
CA VAL C 31 -3.30 -2.94 26.17
C VAL C 31 -3.01 -1.85 27.18
N GLU C 32 -3.95 -0.98 27.37
CA GLU C 32 -3.75 0.12 28.24
C GLU C 32 -3.49 -0.37 29.63
N ALA C 33 -4.11 -1.48 29.96
CA ALA C 33 -4.00 -2.03 31.28
C ALA C 33 -2.74 -2.86 31.50
N GLY C 34 -1.86 -2.95 30.51
CA GLY C 34 -0.64 -3.70 30.66
C GLY C 34 -0.60 -5.14 30.15
N ALA C 35 -1.66 -5.60 29.53
CA ALA C 35 -1.67 -6.87 28.88
C ALA C 35 -0.63 -6.91 27.77
N ASP C 36 -0.02 -8.06 27.58
CA ASP C 36 0.89 -8.26 26.50
C ASP C 36 0.21 -8.24 25.14
N GLY C 37 -1.07 -8.48 25.13
CA GLY C 37 -1.81 -8.66 23.91
C GLY C 37 -3.26 -9.01 24.11
N ILE C 38 -3.87 -9.49 23.04
CA ILE C 38 -5.26 -9.83 23.02
C ILE C 38 -5.55 -11.09 22.21
N GLU C 39 -6.70 -11.67 22.48
CA GLU C 39 -7.26 -12.77 21.74
C GLU C 39 -8.61 -12.34 21.24
N LEU C 40 -8.96 -12.82 20.07
CA LEU C 40 -10.18 -12.43 19.41
C LEU C 40 -10.64 -13.49 18.42
N ASP C 41 -11.90 -13.42 18.04
CA ASP C 41 -12.52 -14.42 17.20
C ASP C 41 -12.99 -13.84 15.90
N VAL C 42 -12.73 -14.53 14.82
CA VAL C 42 -13.08 -14.00 13.52
C VAL C 42 -13.86 -14.93 12.63
N TRP C 43 -14.68 -14.29 11.80
CA TRP C 43 -15.52 -14.91 10.82
C TRP C 43 -15.41 -14.17 9.48
N LEU C 44 -15.78 -14.82 8.39
CA LEU C 44 -15.88 -14.15 7.11
C LEU C 44 -17.34 -13.71 6.82
N THR C 45 -17.52 -12.46 6.47
CA THR C 45 -18.79 -11.94 6.09
C THR C 45 -19.21 -12.44 4.71
N LYS C 46 -20.46 -12.20 4.36
CA LYS C 46 -21.00 -12.65 3.12
C LYS C 46 -20.18 -12.04 1.99
N ASP C 47 -19.62 -10.87 2.24
CA ASP C 47 -18.86 -10.17 1.24
C ASP C 47 -17.36 -10.18 1.44
N GLY C 48 -16.86 -11.17 2.15
CA GLY C 48 -15.43 -11.39 2.15
C GLY C 48 -14.55 -10.53 3.03
N ARG C 49 -15.14 -9.97 4.06
CA ARG C 49 -14.36 -9.25 5.03
C ARG C 49 -14.30 -10.03 6.33
N VAL C 50 -13.25 -9.78 7.10
CA VAL C 50 -13.03 -10.49 8.31
C VAL C 50 -13.45 -9.62 9.48
N VAL C 51 -14.45 -10.09 10.18
CA VAL C 51 -14.98 -9.39 11.30
C VAL C 51 -14.84 -10.15 12.60
N VAL C 52 -14.94 -9.43 13.69
CA VAL C 52 -14.70 -9.99 14.98
C VAL C 52 -16.01 -10.19 15.77
N MET C 53 -16.32 -11.43 16.06
CA MET C 53 -17.54 -11.86 16.75
C MET C 53 -17.30 -13.26 17.32
N HIS C 54 -17.58 -13.50 18.58
CA HIS C 54 -17.47 -14.86 19.06
C HIS C 54 -18.52 -15.89 18.64
N ASP C 55 -19.80 -15.64 18.90
CA ASP C 55 -20.88 -16.53 18.52
C ASP C 55 -21.05 -16.58 17.01
N GLU C 56 -21.73 -17.59 16.54
CA GLU C 56 -22.08 -17.72 15.13
C GLU C 56 -23.06 -16.65 14.64
N THR C 57 -23.69 -15.94 15.58
CA THR C 57 -24.63 -14.89 15.33
C THR C 57 -24.33 -13.69 16.22
N ILE C 58 -24.79 -12.54 15.75
CA ILE C 58 -24.66 -11.29 16.46
C ILE C 58 -25.71 -11.05 17.54
N ASP C 59 -26.66 -11.95 17.65
CA ASP C 59 -27.81 -11.69 18.49
C ASP C 59 -27.41 -11.42 19.94
N ARG C 60 -26.52 -12.24 20.48
CA ARG C 60 -26.20 -12.15 21.86
C ARG C 60 -25.52 -10.86 22.27
N THR C 61 -24.55 -10.43 21.48
CA THR C 61 -23.74 -9.26 21.83
C THR C 61 -24.20 -7.94 21.24
N SER C 62 -25.13 -8.02 20.29
CA SER C 62 -25.61 -6.83 19.61
C SER C 62 -27.07 -6.51 19.86
N ASN C 63 -27.48 -5.40 19.28
CA ASN C 63 -28.86 -4.93 19.30
C ASN C 63 -29.59 -5.40 18.07
N MET C 64 -29.01 -6.33 17.33
CA MET C 64 -29.55 -6.81 16.08
C MET C 64 -29.45 -8.34 16.01
N LYS C 65 -29.93 -8.92 14.93
CA LYS C 65 -29.93 -10.36 14.80
C LYS C 65 -29.37 -10.81 13.49
N GLY C 66 -28.72 -11.95 13.50
CA GLY C 66 -28.37 -12.61 12.28
C GLY C 66 -27.06 -13.34 12.29
N ARG C 67 -26.81 -14.03 11.21
CA ARG C 67 -25.61 -14.77 10.99
C ARG C 67 -24.63 -13.92 10.20
N GLN C 68 -23.51 -13.58 10.81
CA GLN C 68 -22.57 -12.67 10.19
C GLN C 68 -22.07 -13.21 8.88
N LYS C 69 -21.98 -14.51 8.79
CA LYS C 69 -21.51 -15.15 7.57
C LYS C 69 -22.46 -14.84 6.43
N ASP C 70 -23.70 -14.54 6.79
CA ASP C 70 -24.77 -14.33 5.83
C ASP C 70 -25.14 -12.87 5.71
N MET C 71 -24.29 -12.00 6.19
CA MET C 71 -24.52 -10.59 6.18
C MET C 71 -23.33 -9.90 5.57
N THR C 72 -23.54 -8.73 5.03
CA THR C 72 -22.46 -7.90 4.54
C THR C 72 -21.90 -7.02 5.63
N LEU C 73 -20.73 -6.47 5.38
CA LEU C 73 -20.05 -5.67 6.36
C LEU C 73 -20.86 -4.44 6.65
N GLU C 74 -21.43 -3.88 5.61
CA GLU C 74 -22.25 -2.71 5.81
C GLU C 74 -23.46 -2.98 6.70
N GLU C 75 -24.14 -4.08 6.54
CA GLU C 75 -25.25 -4.37 7.45
C GLU C 75 -24.67 -4.48 8.84
N LEU C 76 -23.54 -5.15 8.96
CA LEU C 76 -22.95 -5.41 10.26
C LEU C 76 -22.53 -4.16 11.02
N LYS C 77 -22.06 -3.16 10.33
CA LYS C 77 -21.65 -1.92 10.94
C LYS C 77 -22.82 -1.08 11.51
N LYS C 78 -24.03 -1.46 11.18
CA LYS C 78 -25.21 -0.87 11.80
C LYS C 78 -25.38 -1.26 13.27
N ALA C 79 -24.89 -2.43 13.65
CA ALA C 79 -25.09 -2.93 14.98
C ALA C 79 -24.29 -2.18 16.01
N ASP C 80 -24.76 -2.28 17.25
CA ASP C 80 -24.14 -1.77 18.45
C ASP C 80 -23.78 -3.00 19.25
N VAL C 81 -22.50 -3.20 19.48
CA VAL C 81 -22.02 -4.34 20.22
C VAL C 81 -21.60 -3.98 21.64
N GLY C 82 -22.18 -2.91 22.13
CA GLY C 82 -22.01 -2.42 23.45
C GLY C 82 -21.49 -1.01 23.61
N GLN C 83 -22.27 -0.15 24.23
CA GLN C 83 -21.84 1.20 24.48
C GLN C 83 -21.55 1.93 23.18
N GLY C 84 -22.22 1.52 22.12
CA GLY C 84 -22.08 2.15 20.85
C GLY C 84 -20.90 1.63 20.05
N GLU C 85 -20.16 0.72 20.62
CA GLU C 85 -19.11 0.09 19.88
C GLU C 85 -19.66 -0.63 18.66
N ARG C 86 -18.87 -0.67 17.61
CA ARG C 86 -19.18 -1.39 16.38
C ARG C 86 -18.38 -2.70 16.24
N ILE C 87 -18.87 -3.60 15.42
CA ILE C 87 -18.19 -4.81 15.10
C ILE C 87 -16.99 -4.42 14.29
N PRO C 88 -15.82 -4.74 14.79
CA PRO C 88 -14.57 -4.37 14.11
C PRO C 88 -14.19 -5.32 13.00
N THR C 89 -13.40 -4.84 12.07
CA THR C 89 -12.70 -5.72 11.17
C THR C 89 -11.37 -6.02 11.77
N LEU C 90 -10.76 -7.07 11.27
CA LEU C 90 -9.45 -7.46 11.73
C LEU C 90 -8.48 -6.34 11.47
N GLU C 91 -8.63 -5.68 10.33
CA GLU C 91 -7.77 -4.56 9.96
C GLU C 91 -7.93 -3.46 10.98
N GLU C 92 -9.14 -3.20 11.42
CA GLU C 92 -9.36 -2.19 12.42
C GLU C 92 -8.65 -2.55 13.71
N VAL C 93 -8.71 -3.80 14.07
CA VAL C 93 -8.09 -4.19 15.30
C VAL C 93 -6.61 -3.90 15.25
N PHE C 94 -5.94 -4.30 14.19
CA PHE C 94 -4.51 -4.06 14.15
C PHE C 94 -4.24 -2.57 14.22
N GLU C 95 -5.07 -1.79 13.56
CA GLU C 95 -4.87 -0.36 13.60
C GLU C 95 -4.99 0.27 14.99
N ALA C 96 -5.82 -0.29 15.84
CA ALA C 96 -6.09 0.25 17.16
C ALA C 96 -5.06 -0.02 18.24
N ILE C 97 -4.14 -0.93 17.97
CA ILE C 97 -3.19 -1.36 18.97
C ILE C 97 -1.76 -1.29 18.48
N PRO C 98 -0.82 -1.34 19.39
CA PRO C 98 0.56 -1.20 19.01
C PRO C 98 1.02 -2.34 18.13
N ARG C 99 1.96 -1.98 17.28
CA ARG C 99 2.48 -2.89 16.31
C ARG C 99 3.20 -4.05 17.02
N ASN C 100 3.58 -3.86 18.26
CA ASN C 100 4.25 -4.90 19.02
C ASN C 100 3.35 -5.78 19.88
N ALA C 101 2.09 -5.41 20.01
CA ALA C 101 1.18 -6.18 20.82
C ALA C 101 0.94 -7.58 20.28
N LEU C 102 0.85 -8.55 21.16
CA LEU C 102 0.58 -9.88 20.72
C LEU C 102 -0.88 -10.04 20.36
N VAL C 103 -1.13 -10.72 19.27
CA VAL C 103 -2.48 -10.93 18.80
C VAL C 103 -2.77 -12.37 18.44
N ASN C 104 -3.68 -12.97 19.18
CA ASN C 104 -4.10 -14.32 18.92
C ASN C 104 -5.44 -14.32 18.23
N VAL C 105 -5.41 -14.68 16.98
CA VAL C 105 -6.57 -14.70 16.17
C VAL C 105 -7.15 -16.09 16.20
N GLU C 106 -8.34 -16.22 16.76
CA GLU C 106 -9.03 -17.48 16.77
C GLU C 106 -9.97 -17.58 15.56
N LEU C 107 -9.62 -18.46 14.63
CA LEU C 107 -10.43 -18.65 13.47
C LEU C 107 -11.67 -19.44 13.81
N LYS C 108 -12.81 -18.77 13.80
CA LYS C 108 -14.08 -19.40 13.99
C LYS C 108 -14.66 -20.00 12.68
N ASP C 109 -14.05 -19.60 11.56
CA ASP C 109 -14.57 -19.84 10.23
C ASP C 109 -13.46 -20.24 9.26
N ARG C 110 -13.54 -21.44 8.72
CA ARG C 110 -12.57 -21.96 7.75
C ARG C 110 -12.51 -21.13 6.47
N ASP C 111 -13.62 -20.53 6.12
CA ASP C 111 -13.73 -19.62 5.01
C ASP C 111 -12.83 -18.38 5.15
N ALA C 112 -12.57 -17.94 6.37
CA ALA C 112 -11.80 -16.73 6.57
C ALA C 112 -10.32 -16.92 6.39
N ALA C 113 -9.87 -18.15 6.21
CA ALA C 113 -8.47 -18.44 6.38
C ALA C 113 -7.60 -17.67 5.40
N ARG C 114 -7.94 -17.68 4.14
CA ARG C 114 -7.15 -16.93 3.21
C ARG C 114 -7.09 -15.45 3.50
N GLU C 115 -8.23 -14.84 3.77
CA GLU C 115 -8.24 -13.41 4.07
C GLU C 115 -7.50 -13.04 5.34
N VAL C 116 -7.64 -13.88 6.34
CA VAL C 116 -6.89 -13.64 7.55
C VAL C 116 -5.41 -13.73 7.22
N ALA C 117 -4.99 -14.70 6.45
CA ALA C 117 -3.60 -14.80 6.12
C ALA C 117 -3.09 -13.56 5.38
N GLU C 118 -3.88 -13.04 4.45
CA GLU C 118 -3.47 -11.88 3.72
C GLU C 118 -3.33 -10.71 4.66
N ILE C 119 -4.31 -10.55 5.52
CA ILE C 119 -4.25 -9.49 6.47
C ILE C 119 -3.08 -9.61 7.41
N VAL C 120 -2.85 -10.80 7.92
CA VAL C 120 -1.81 -10.96 8.91
C VAL C 120 -0.46 -10.54 8.32
N ALA C 121 -0.27 -10.81 7.05
CA ALA C 121 1.03 -10.56 6.41
C ALA C 121 1.40 -9.10 6.44
N GLU C 122 0.39 -8.25 6.47
CA GLU C 122 0.64 -6.85 6.52
C GLU C 122 0.63 -6.24 7.90
N ASN C 123 0.48 -7.04 8.91
CA ASN C 123 0.39 -6.49 10.23
C ASN C 123 1.36 -7.15 11.20
N ASN C 124 2.58 -7.40 10.72
CA ASN C 124 3.59 -7.92 11.57
C ASN C 124 3.43 -9.31 12.16
N PRO C 125 3.26 -10.29 11.31
CA PRO C 125 2.95 -11.66 11.73
C PRO C 125 3.69 -12.28 12.92
N GLU C 126 4.84 -11.71 13.24
CA GLU C 126 5.65 -12.27 14.31
C GLU C 126 4.95 -12.14 15.66
N ARG C 127 4.07 -11.17 15.78
CA ARG C 127 3.31 -11.03 17.00
C ARG C 127 1.96 -11.66 16.89
N VAL C 128 1.71 -12.38 15.83
CA VAL C 128 0.44 -13.04 15.72
C VAL C 128 0.53 -14.54 16.03
N MET C 129 -0.51 -15.05 16.63
CA MET C 129 -0.78 -16.46 16.70
C MET C 129 -2.17 -16.77 16.15
N ILE C 130 -2.22 -17.76 15.28
CA ILE C 130 -3.46 -18.29 14.76
C ILE C 130 -3.92 -19.51 15.58
N SER C 131 -5.15 -19.51 16.05
CA SER C 131 -5.67 -20.68 16.69
C SER C 131 -7.07 -21.06 16.20
N SER C 132 -7.45 -22.30 16.39
CA SER C 132 -8.80 -22.76 16.14
C SER C 132 -9.12 -24.02 16.91
N PHE C 133 -10.38 -24.20 17.25
CA PHE C 133 -10.94 -25.49 17.59
C PHE C 133 -11.03 -26.39 16.36
N ASP C 134 -11.10 -25.78 15.21
CA ASP C 134 -11.40 -26.47 13.98
C ASP C 134 -10.14 -26.80 13.23
N ILE C 135 -9.81 -28.07 13.17
CA ILE C 135 -8.61 -28.53 12.50
C ILE C 135 -8.60 -28.18 11.02
N ASP C 136 -9.76 -28.29 10.39
CA ASP C 136 -9.85 -28.00 9.00
C ASP C 136 -9.52 -26.53 8.77
N ALA C 137 -9.97 -25.69 9.68
CA ALA C 137 -9.71 -24.28 9.56
C ALA C 137 -8.22 -24.04 9.62
N LEU C 138 -7.54 -24.75 10.50
CA LEU C 138 -6.09 -24.66 10.58
C LEU C 138 -5.37 -25.15 9.32
N ARG C 139 -5.84 -26.24 8.75
CA ARG C 139 -5.28 -26.78 7.52
C ARG C 139 -5.44 -25.79 6.41
N GLU C 140 -6.62 -25.21 6.34
CA GLU C 140 -6.89 -24.31 5.29
C GLU C 140 -5.95 -23.18 5.43
N TYR C 141 -5.75 -22.75 6.66
CA TYR C 141 -4.88 -21.64 6.89
C TYR C 141 -3.47 -21.98 6.40
N ARG C 142 -3.03 -23.20 6.56
CA ARG C 142 -1.66 -23.54 6.21
C ARG C 142 -1.42 -23.54 4.72
N LYS C 143 -2.48 -23.61 3.95
CA LYS C 143 -2.37 -23.52 2.49
C LYS C 143 -1.82 -22.17 2.13
N TYR C 144 -2.04 -21.19 2.99
CA TYR C 144 -1.71 -19.80 2.67
C TYR C 144 -0.54 -19.24 3.42
N ASP C 145 -0.40 -19.61 4.67
CA ASP C 145 0.68 -19.14 5.51
C ASP C 145 1.26 -20.30 6.31
N ASP C 146 2.47 -20.71 6.00
CA ASP C 146 3.09 -21.82 6.68
C ASP C 146 4.06 -21.37 7.76
N GLU C 147 4.23 -20.08 7.97
CA GLU C 147 5.17 -19.59 8.94
C GLU C 147 4.61 -19.06 10.25
N THR C 148 3.44 -18.47 10.24
CA THR C 148 2.91 -17.85 11.44
C THR C 148 2.67 -18.89 12.54
N THR C 149 2.92 -18.47 13.76
CA THR C 149 2.83 -19.26 14.95
C THR C 149 1.40 -19.78 15.06
N MET C 150 1.25 -21.04 15.38
CA MET C 150 -0.05 -21.65 15.42
C MET C 150 -0.30 -22.45 16.68
N GLY C 151 -1.50 -22.35 17.20
CA GLY C 151 -1.98 -23.10 18.33
C GLY C 151 -3.27 -23.84 18.08
N LEU C 152 -3.39 -25.03 18.66
CA LEU C 152 -4.59 -25.81 18.57
C LEU C 152 -5.40 -25.75 19.86
N LEU C 153 -6.57 -25.20 19.78
CA LEU C 153 -7.48 -25.18 20.88
C LEU C 153 -8.09 -26.54 21.06
N ILE C 154 -8.27 -26.94 22.30
CA ILE C 154 -8.79 -28.25 22.58
C ILE C 154 -9.87 -28.22 23.61
N ASP C 155 -11.06 -28.66 23.25
CA ASP C 155 -12.12 -28.85 24.23
C ASP C 155 -12.64 -30.29 24.36
N ARG C 156 -12.03 -31.21 23.62
CA ARG C 156 -12.41 -32.60 23.64
C ARG C 156 -11.24 -33.53 23.86
N GLU C 157 -11.46 -34.53 24.68
CA GLU C 157 -10.48 -35.54 25.01
C GLU C 157 -10.04 -36.33 23.82
N GLU C 158 -10.93 -36.52 22.87
CA GLU C 158 -10.66 -37.36 21.72
C GLU C 158 -9.52 -36.84 20.93
N VAL C 159 -9.36 -35.53 20.92
CA VAL C 159 -8.30 -34.91 20.21
C VAL C 159 -6.93 -35.25 20.74
N VAL C 160 -6.80 -35.59 22.00
CA VAL C 160 -5.48 -35.58 22.58
C VAL C 160 -4.50 -36.53 21.89
N PRO C 161 -4.98 -37.70 21.56
CA PRO C 161 -4.17 -38.72 20.91
C PRO C 161 -3.70 -38.27 19.56
N LEU C 162 -4.44 -37.38 18.93
CA LEU C 162 -4.11 -36.84 17.65
C LEU C 162 -2.98 -35.84 17.66
N ILE C 163 -2.60 -35.40 18.83
CA ILE C 163 -1.78 -34.22 18.92
C ILE C 163 -0.43 -34.36 18.22
N PRO C 164 0.24 -35.47 18.37
CA PRO C 164 1.55 -35.59 17.74
C PRO C 164 1.49 -35.50 16.22
N LYS C 165 0.54 -36.17 15.62
CA LYS C 165 0.35 -36.08 14.18
C LYS C 165 -0.03 -34.66 13.76
N LEU C 166 -0.94 -34.06 14.47
CA LEU C 166 -1.33 -32.71 14.14
C LEU C 166 -0.19 -31.72 14.25
N LYS C 167 0.60 -31.87 15.29
CA LYS C 167 1.72 -30.99 15.49
C LYS C 167 2.64 -31.10 14.32
N ASP C 168 2.92 -32.30 13.87
CA ASP C 168 3.76 -32.47 12.70
C ASP C 168 3.12 -31.96 11.43
N GLU C 169 1.86 -32.28 11.24
CA GLU C 169 1.21 -31.79 10.05
C GLU C 169 1.10 -30.27 10.02
N LEU C 170 0.65 -29.69 11.10
CA LEU C 170 0.35 -28.27 11.16
C LEU C 170 1.44 -27.38 11.65
N ASN C 171 2.56 -27.95 12.06
CA ASN C 171 3.61 -27.16 12.62
C ASN C 171 3.15 -26.31 13.81
N LEU C 172 2.49 -26.94 14.75
CA LEU C 172 1.93 -26.24 15.89
C LEU C 172 2.98 -25.77 16.86
N TRP C 173 2.93 -24.53 17.25
CA TRP C 173 3.70 -24.04 18.37
C TRP C 173 3.23 -24.53 19.75
N SER C 174 1.92 -24.57 19.92
CA SER C 174 1.28 -24.77 21.18
C SER C 174 -0.02 -25.54 21.09
N VAL C 175 -0.47 -26.06 22.20
CA VAL C 175 -1.85 -26.49 22.35
C VAL C 175 -2.48 -25.60 23.38
N ASN C 176 -3.74 -25.30 23.19
CA ASN C 176 -4.32 -24.26 23.96
C ASN C 176 -5.47 -24.87 24.70
N VAL C 177 -5.33 -24.93 26.01
CA VAL C 177 -6.15 -25.78 26.82
C VAL C 177 -6.83 -25.14 28.01
N PRO C 178 -8.01 -25.65 28.32
CA PRO C 178 -8.88 -25.07 29.34
C PRO C 178 -8.58 -25.49 30.75
N MET C 179 -8.86 -24.61 31.68
CA MET C 179 -8.60 -24.94 33.04
C MET C 179 -9.58 -25.98 33.51
N GLU C 180 -10.58 -26.22 32.69
CA GLU C 180 -11.61 -27.19 33.00
C GLU C 180 -11.05 -28.60 33.14
N ALA C 181 -9.94 -28.86 32.52
CA ALA C 181 -9.46 -30.18 32.57
C ALA C 181 -9.32 -30.47 34.03
N ILE C 182 -9.07 -29.48 34.85
CA ILE C 182 -8.72 -29.84 36.18
C ILE C 182 -9.82 -30.59 36.88
N PRO C 183 -11.02 -30.05 36.82
CA PRO C 183 -12.15 -30.77 37.38
C PRO C 183 -12.44 -32.02 36.61
N LEU C 184 -12.47 -31.90 35.31
CA LEU C 184 -13.01 -32.93 34.47
C LEU C 184 -12.27 -34.22 34.54
N ILE C 185 -10.96 -34.21 34.43
CA ILE C 185 -10.21 -35.42 34.56
C ILE C 185 -9.43 -35.45 35.84
N GLY C 186 -9.57 -34.39 36.61
CA GLY C 186 -8.90 -34.32 37.88
C GLY C 186 -7.51 -33.78 37.72
N LEU C 187 -6.96 -33.25 38.79
CA LEU C 187 -5.69 -32.58 38.72
C LEU C 187 -4.51 -33.42 38.33
N GLU C 188 -4.34 -34.59 38.90
CA GLU C 188 -3.14 -35.36 38.64
C GLU C 188 -2.98 -35.77 37.17
N LYS C 189 -4.07 -36.15 36.55
CA LYS C 189 -4.09 -36.46 35.16
C LYS C 189 -3.80 -35.24 34.29
N THR C 190 -4.27 -34.11 34.77
CA THR C 190 -4.11 -32.89 34.05
C THR C 190 -2.64 -32.61 33.95
N LEU C 191 -1.95 -32.77 35.05
CA LEU C 191 -0.51 -32.57 35.02
C LEU C 191 0.09 -33.56 34.07
N GLN C 192 -0.44 -34.76 34.07
CA GLN C 192 0.12 -35.79 33.25
C GLN C 192 -0.03 -35.41 31.81
N ALA C 193 -1.22 -34.96 31.46
CA ALA C 193 -1.51 -34.56 30.11
C ALA C 193 -0.64 -33.38 29.76
N LEU C 194 -0.53 -32.43 30.67
CA LEU C 194 0.31 -31.26 30.41
C LEU C 194 1.73 -31.66 30.16
N HIS C 195 2.25 -32.54 30.98
CA HIS C 195 3.59 -32.99 30.83
C HIS C 195 3.71 -33.68 29.50
N TRP C 196 2.72 -34.47 29.13
CA TRP C 196 2.83 -35.22 27.92
C TRP C 196 2.93 -34.36 26.70
N VAL C 197 2.07 -33.37 26.59
CA VAL C 197 2.16 -32.45 25.47
C VAL C 197 3.45 -31.67 25.45
N ARG C 198 3.91 -31.24 26.60
CA ARG C 198 5.16 -30.52 26.66
C ARG C 198 6.30 -31.42 26.23
N SER C 199 6.15 -32.69 26.50
CA SER C 199 7.13 -33.67 26.09
C SER C 199 7.23 -33.73 24.58
N LEU C 200 6.20 -33.33 23.89
CA LEU C 200 6.22 -33.32 22.45
C LEU C 200 6.89 -32.09 21.85
N GLY C 201 7.30 -31.19 22.72
CA GLY C 201 7.88 -29.92 22.35
C GLY C 201 6.89 -28.77 22.22
N LEU C 202 5.66 -29.01 22.58
CA LEU C 202 4.61 -28.03 22.54
C LEU C 202 4.63 -27.05 23.69
N LYS C 203 4.42 -25.78 23.42
CA LYS C 203 4.13 -24.85 24.45
C LYS C 203 2.66 -24.90 24.76
N VAL C 204 2.28 -24.25 25.84
CA VAL C 204 0.94 -24.30 26.35
C VAL C 204 0.32 -22.94 26.66
N VAL C 205 -0.87 -22.72 26.15
CA VAL C 205 -1.72 -21.58 26.39
C VAL C 205 -2.95 -22.07 27.12
N LEU C 206 -3.25 -21.41 28.23
CA LEU C 206 -4.35 -21.72 29.09
C LEU C 206 -5.47 -20.71 29.00
N TRP C 207 -6.68 -21.20 28.93
CA TRP C 207 -7.87 -20.40 28.91
C TRP C 207 -8.88 -21.06 29.83
N THR C 208 -9.92 -20.34 30.22
CA THR C 208 -10.99 -20.87 31.04
C THR C 208 -12.22 -20.04 30.84
N GLU C 209 -13.37 -20.59 31.18
CA GLU C 209 -14.59 -19.85 30.92
C GLU C 209 -14.79 -18.52 31.65
N ASN C 210 -14.63 -18.51 32.93
CA ASN C 210 -15.05 -17.31 33.57
C ASN C 210 -13.95 -16.60 34.23
N ASP C 211 -12.77 -17.08 33.95
CA ASP C 211 -11.59 -16.74 34.71
C ASP C 211 -11.63 -17.31 36.11
N VAL C 212 -12.61 -18.13 36.38
CA VAL C 212 -12.96 -18.51 37.71
C VAL C 212 -12.03 -19.66 38.03
N LEU C 213 -11.87 -20.57 37.10
CA LEU C 213 -11.01 -21.72 37.31
C LEU C 213 -9.53 -21.41 37.47
N PHE C 214 -9.08 -20.26 37.02
CA PHE C 214 -7.72 -19.89 37.21
C PHE C 214 -7.52 -19.81 38.71
N TYR C 215 -8.47 -19.21 39.38
CA TYR C 215 -8.31 -18.81 40.76
C TYR C 215 -8.91 -19.75 41.78
N LYS C 216 -9.79 -20.63 41.36
CA LYS C 216 -10.37 -21.60 42.28
C LYS C 216 -9.30 -22.59 42.77
N ASP C 217 -9.18 -22.67 44.08
CA ASP C 217 -8.23 -23.54 44.71
C ASP C 217 -6.86 -23.18 44.22
N ASP C 218 -6.70 -21.96 43.78
CA ASP C 218 -5.40 -21.57 43.32
C ASP C 218 -4.91 -22.51 42.25
N ASN C 219 -5.80 -22.89 41.38
CA ASN C 219 -5.48 -23.87 40.40
C ASN C 219 -4.33 -23.45 39.52
N LEU C 220 -4.30 -22.22 39.09
CA LEU C 220 -3.29 -21.84 38.15
C LEU C 220 -1.89 -21.98 38.70
N ALA C 221 -1.71 -21.68 39.98
CA ALA C 221 -0.41 -21.76 40.64
C ALA C 221 0.07 -23.19 40.59
N LYS C 222 -0.84 -24.11 40.67
CA LYS C 222 -0.51 -25.50 40.65
C LYS C 222 0.22 -25.83 39.38
N LEU C 223 -0.11 -25.14 38.29
CA LEU C 223 0.43 -25.46 37.00
C LEU C 223 1.62 -24.66 36.67
N LYS C 224 2.16 -23.98 37.65
CA LYS C 224 3.21 -23.07 37.36
C LYS C 224 4.41 -23.74 36.70
N GLY C 225 4.91 -23.09 35.68
CA GLY C 225 5.97 -23.54 34.85
C GLY C 225 5.50 -24.41 33.71
N LEU C 226 4.24 -24.82 33.74
CA LEU C 226 3.69 -25.63 32.67
C LEU C 226 2.96 -24.85 31.57
N PHE C 227 2.95 -23.53 31.66
CA PHE C 227 2.25 -22.70 30.69
C PHE C 227 3.04 -21.47 30.34
N GLU C 228 2.90 -21.05 29.10
CA GLU C 228 3.57 -19.88 28.60
C GLU C 228 2.66 -18.66 28.44
N VAL C 229 1.40 -18.94 28.14
CA VAL C 229 0.38 -17.95 27.88
C VAL C 229 -0.91 -18.18 28.65
N VAL C 230 -1.47 -17.15 29.22
CA VAL C 230 -2.78 -17.22 29.79
C VAL C 230 -3.70 -16.20 29.15
N ILE C 231 -4.90 -16.64 28.75
CA ILE C 231 -5.89 -15.76 28.16
C ILE C 231 -6.90 -15.50 29.24
N ALA C 232 -6.98 -14.25 29.69
CA ALA C 232 -7.87 -13.82 30.76
C ALA C 232 -8.88 -12.73 30.43
N ASN C 233 -10.11 -12.86 30.94
CA ASN C 233 -11.08 -11.81 30.88
C ASN C 233 -10.66 -10.61 31.66
N ASP C 234 -10.23 -10.79 32.89
CA ASP C 234 -9.81 -9.67 33.71
C ASP C 234 -8.31 -9.57 33.72
N VAL C 235 -7.85 -8.66 32.91
CA VAL C 235 -6.47 -8.49 32.64
C VAL C 235 -5.63 -8.03 33.82
N VAL C 236 -6.13 -7.08 34.57
CA VAL C 236 -5.40 -6.58 35.71
C VAL C 236 -5.26 -7.63 36.78
N ARG C 237 -6.33 -8.33 37.08
CA ARG C 237 -6.31 -9.32 38.12
C ARG C 237 -5.28 -10.41 37.79
N MET C 238 -5.23 -10.84 36.54
CA MET C 238 -4.28 -11.84 36.14
C MET C 238 -2.85 -11.36 36.26
N ILE C 239 -2.63 -10.10 35.94
CA ILE C 239 -1.31 -9.54 35.99
C ILE C 239 -0.82 -9.55 37.44
N GLU C 240 -1.68 -9.18 38.35
CA GLU C 240 -1.32 -9.21 39.76
C GLU C 240 -1.01 -10.61 40.27
N TYR C 241 -1.87 -11.56 39.92
CA TYR C 241 -1.73 -12.90 40.40
C TYR C 241 -0.41 -13.46 39.93
N LEU C 242 -0.10 -13.30 38.65
CA LEU C 242 1.13 -13.81 38.12
C LEU C 242 2.36 -13.17 38.73
N LYS C 243 2.32 -11.86 38.92
CA LYS C 243 3.45 -11.14 39.48
C LYS C 243 3.74 -11.67 40.85
N LYS C 244 2.69 -11.94 41.59
CA LYS C 244 2.82 -12.46 42.92
C LYS C 244 3.56 -13.80 42.88
N LEU C 245 3.24 -14.62 41.90
CA LEU C 245 3.90 -15.88 41.76
C LEU C 245 5.33 -15.70 41.35
N GLY C 246 5.70 -14.52 40.94
CA GLY C 246 6.99 -14.30 40.34
C GLY C 246 7.10 -14.90 38.96
N LEU C 247 5.97 -15.02 38.26
CA LEU C 247 5.95 -15.62 36.93
C LEU C 247 5.98 -14.57 35.85
N ARG C 248 5.81 -13.35 36.31
CA ARG C 248 5.80 -12.20 35.47
C ARG C 248 6.36 -10.99 36.22
N MET D 1 12.63 11.54 -37.76
CA MET D 1 11.62 10.54 -38.11
C MET D 1 10.20 11.04 -37.90
N TRP D 2 10.06 11.93 -36.96
CA TRP D 2 8.81 12.55 -36.66
C TRP D 2 8.55 13.77 -37.53
N GLU D 3 9.54 14.21 -38.28
CA GLU D 3 9.36 15.36 -39.12
C GLU D 3 9.20 14.95 -40.55
N ARG D 4 7.99 15.03 -41.05
CA ARG D 4 7.68 14.72 -42.43
C ARG D 4 6.63 15.69 -42.96
N ASP D 5 6.60 15.87 -44.27
CA ASP D 5 5.55 16.67 -44.90
C ASP D 5 4.16 16.05 -44.80
N ARG D 6 4.04 14.75 -44.96
CA ARG D 6 2.74 14.11 -44.82
C ARG D 6 2.34 14.04 -43.36
N VAL D 7 1.07 14.20 -43.07
CA VAL D 7 0.57 13.99 -41.73
C VAL D 7 0.73 12.53 -41.26
N ILE D 8 1.17 12.36 -40.02
CA ILE D 8 1.36 11.08 -39.40
C ILE D 8 0.08 10.57 -38.74
N VAL D 9 -0.21 9.32 -38.93
CA VAL D 9 -1.37 8.76 -38.29
C VAL D 9 -0.90 7.67 -37.34
N LEU D 10 -1.33 7.76 -36.10
CA LEU D 10 -1.06 6.76 -35.08
C LEU D 10 -2.32 6.13 -34.52
N GLY D 11 -2.31 4.81 -34.37
CA GLY D 11 -3.47 4.19 -33.78
C GLY D 11 -3.51 4.36 -32.28
N HIS D 12 -4.57 4.98 -31.81
CA HIS D 12 -4.73 5.26 -30.40
C HIS D 12 -4.96 3.94 -29.69
N ARG D 13 -4.00 3.57 -28.89
CA ARG D 13 -4.03 2.27 -28.27
C ARG D 13 -4.14 1.15 -29.34
N GLY D 14 -3.47 1.36 -30.45
CA GLY D 14 -3.65 0.49 -31.57
C GLY D 14 -4.88 0.83 -32.40
N TYR D 15 -5.38 -0.12 -33.17
CA TYR D 15 -6.57 0.04 -33.99
C TYR D 15 -7.78 -0.31 -33.15
N MET D 16 -8.00 0.53 -32.16
CA MET D 16 -8.93 0.25 -31.10
C MET D 16 -10.39 0.36 -31.48
N SER D 17 -10.65 0.96 -32.61
CA SER D 17 -12.00 0.98 -33.15
C SER D 17 -12.44 -0.43 -33.46
N ASN D 18 -11.50 -1.22 -33.93
CA ASN D 18 -11.77 -2.57 -34.40
C ASN D 18 -11.21 -3.75 -33.59
N TYR D 19 -10.33 -3.46 -32.66
CA TYR D 19 -9.58 -4.44 -31.91
C TYR D 19 -9.42 -4.00 -30.49
N PRO D 20 -9.17 -4.92 -29.59
CA PRO D 20 -9.15 -4.53 -28.20
C PRO D 20 -8.02 -3.57 -27.93
N GLU D 21 -8.40 -2.49 -27.30
CA GLU D 21 -7.53 -1.51 -26.71
C GLU D 21 -6.18 -2.00 -26.16
N ASN D 22 -5.08 -1.44 -26.64
CA ASN D 22 -3.83 -1.67 -25.98
C ASN D 22 -3.43 -3.16 -25.93
N THR D 23 -3.67 -3.86 -27.02
CA THR D 23 -3.23 -5.22 -27.15
C THR D 23 -2.28 -5.37 -28.33
N LEU D 24 -1.49 -6.43 -28.34
CA LEU D 24 -0.58 -6.68 -29.43
C LEU D 24 -1.38 -6.85 -30.72
N LEU D 25 -2.54 -7.45 -30.62
CA LEU D 25 -3.39 -7.59 -31.78
C LEU D 25 -3.81 -6.23 -32.33
N ALA D 26 -4.27 -5.35 -31.47
CA ALA D 26 -4.63 -4.00 -31.87
C ALA D 26 -3.43 -3.25 -32.44
N PHE D 27 -2.29 -3.41 -31.82
CA PHE D 27 -1.12 -2.73 -32.34
C PHE D 27 -0.71 -3.26 -33.70
N ARG D 28 -0.66 -4.56 -33.84
CA ARG D 28 -0.27 -5.11 -35.14
C ARG D 28 -1.26 -4.70 -36.23
N LYS D 29 -2.53 -4.77 -35.92
CA LYS D 29 -3.55 -4.48 -36.89
C LYS D 29 -3.49 -3.04 -37.37
N ALA D 30 -3.14 -2.12 -36.49
CA ALA D 30 -3.03 -0.73 -36.85
C ALA D 30 -1.97 -0.50 -37.91
N VAL D 31 -0.79 -1.04 -37.71
CA VAL D 31 0.28 -0.95 -38.64
C VAL D 31 0.01 -1.65 -39.98
N GLU D 32 -0.65 -2.80 -39.90
CA GLU D 32 -1.02 -3.54 -41.10
C GLU D 32 -2.01 -2.75 -41.96
N ALA D 33 -2.91 -2.04 -41.29
CA ALA D 33 -3.95 -1.23 -41.88
C ALA D 33 -3.44 0.04 -42.53
N GLY D 34 -2.15 0.34 -42.34
CA GLY D 34 -1.53 1.51 -42.89
C GLY D 34 -1.16 2.68 -41.99
N ALA D 35 -1.46 2.58 -40.71
CA ALA D 35 -1.06 3.61 -39.82
C ALA D 35 0.46 3.69 -39.83
N ASP D 36 0.96 4.87 -39.59
CA ASP D 36 2.38 5.10 -39.49
C ASP D 36 2.93 4.47 -38.22
N GLY D 37 2.05 4.22 -37.28
CA GLY D 37 2.48 3.78 -35.98
C GLY D 37 1.39 3.67 -34.95
N ILE D 38 1.79 3.66 -33.68
CA ILE D 38 0.87 3.45 -32.58
C ILE D 38 1.11 4.40 -31.41
N GLU D 39 0.10 4.55 -30.59
CA GLU D 39 0.16 5.20 -29.31
C GLU D 39 -0.31 4.20 -28.28
N LEU D 40 0.29 4.25 -27.11
CA LEU D 40 0.04 3.35 -26.03
C LEU D 40 0.39 3.95 -24.64
N ASP D 41 -0.19 3.37 -23.62
CA ASP D 41 -0.08 3.76 -22.24
C ASP D 41 0.69 2.78 -21.40
N VAL D 42 1.62 3.30 -20.62
CA VAL D 42 2.42 2.46 -19.79
C VAL D 42 2.46 2.81 -18.29
N TRP D 43 2.61 1.76 -17.50
CA TRP D 43 2.72 1.76 -16.07
C TRP D 43 3.82 0.76 -15.63
N LEU D 44 4.26 0.90 -14.39
CA LEU D 44 5.21 -0.02 -13.79
C LEU D 44 4.58 -0.94 -12.74
N THR D 45 4.76 -2.24 -12.91
CA THR D 45 4.28 -3.24 -11.98
C THR D 45 5.07 -3.18 -10.68
N LYS D 46 4.55 -3.89 -9.70
CA LYS D 46 5.15 -4.06 -8.37
C LYS D 46 6.51 -4.69 -8.56
N ASP D 47 6.61 -5.59 -9.46
CA ASP D 47 7.96 -6.05 -9.72
C ASP D 47 8.66 -5.49 -10.97
N GLY D 48 8.59 -4.22 -11.17
CA GLY D 48 9.45 -3.46 -12.06
C GLY D 48 9.37 -3.70 -13.55
N ARG D 49 8.25 -4.22 -13.99
CA ARG D 49 8.03 -4.45 -15.41
C ARG D 49 7.09 -3.38 -16.00
N VAL D 50 7.30 -3.04 -17.27
CA VAL D 50 6.51 -2.04 -17.95
C VAL D 50 5.38 -2.71 -18.74
N VAL D 51 4.17 -2.43 -18.30
CA VAL D 51 2.98 -3.04 -18.84
C VAL D 51 2.08 -1.99 -19.50
N VAL D 52 1.28 -2.42 -20.46
CA VAL D 52 0.51 -1.51 -21.23
C VAL D 52 -0.94 -1.55 -20.76
N MET D 53 -1.40 -0.46 -20.20
CA MET D 53 -2.75 -0.35 -19.70
C MET D 53 -3.12 1.14 -19.67
N HIS D 54 -4.27 1.54 -20.17
CA HIS D 54 -4.64 2.94 -20.03
C HIS D 54 -5.06 3.45 -18.65
N ASP D 55 -6.04 2.80 -18.06
CA ASP D 55 -6.52 3.10 -16.74
C ASP D 55 -5.53 2.69 -15.63
N GLU D 56 -5.72 3.23 -14.44
CA GLU D 56 -4.93 2.90 -13.28
C GLU D 56 -5.22 1.49 -12.78
N THR D 57 -6.28 0.89 -13.24
CA THR D 57 -6.68 -0.46 -12.90
C THR D 57 -7.07 -1.23 -14.13
N ILE D 58 -7.00 -2.53 -14.04
CA ILE D 58 -7.33 -3.41 -15.13
C ILE D 58 -8.82 -3.73 -15.25
N ASP D 59 -9.62 -3.19 -14.37
CA ASP D 59 -11.03 -3.55 -14.28
C ASP D 59 -11.84 -3.28 -15.54
N ARG D 60 -11.70 -2.13 -16.16
CA ARG D 60 -12.51 -1.82 -17.33
C ARG D 60 -12.24 -2.68 -18.56
N THR D 61 -10.98 -2.84 -18.90
CA THR D 61 -10.61 -3.59 -20.07
C THR D 61 -10.39 -5.08 -19.85
N SER D 62 -10.42 -5.54 -18.62
CA SER D 62 -10.17 -6.93 -18.39
C SER D 62 -11.26 -7.68 -17.65
N ASN D 63 -11.05 -8.97 -17.49
CA ASN D 63 -11.94 -9.82 -16.73
C ASN D 63 -11.53 -9.92 -15.28
N MET D 64 -10.59 -9.10 -14.86
CA MET D 64 -10.11 -9.17 -13.52
C MET D 64 -10.03 -7.80 -12.91
N LYS D 65 -9.63 -7.70 -11.67
CA LYS D 65 -9.50 -6.42 -11.05
C LYS D 65 -8.18 -6.21 -10.34
N GLY D 66 -7.83 -4.95 -10.16
CA GLY D 66 -6.66 -4.53 -9.41
C GLY D 66 -5.93 -3.37 -10.02
N ARG D 67 -5.12 -2.70 -9.23
CA ARG D 67 -4.20 -1.71 -9.69
C ARG D 67 -2.92 -2.42 -10.15
N GLN D 68 -2.55 -2.25 -11.41
CA GLN D 68 -1.37 -2.92 -11.93
C GLN D 68 -0.11 -2.56 -11.16
N LYS D 69 -0.02 -1.36 -10.64
CA LYS D 69 1.14 -0.96 -9.86
C LYS D 69 1.36 -1.80 -8.60
N ASP D 70 0.30 -2.41 -8.12
CA ASP D 70 0.30 -3.25 -6.95
C ASP D 70 0.30 -4.73 -7.29
N MET D 71 0.58 -5.05 -8.53
CA MET D 71 0.60 -6.42 -8.98
C MET D 71 1.90 -6.81 -9.73
N THR D 72 2.23 -8.09 -9.71
CA THR D 72 3.33 -8.61 -10.45
C THR D 72 2.95 -8.81 -11.90
N LEU D 73 3.92 -8.93 -12.77
CA LEU D 73 3.60 -9.22 -14.15
C LEU D 73 2.87 -10.57 -14.24
N GLU D 74 3.31 -11.51 -13.46
CA GLU D 74 2.71 -12.83 -13.49
C GLU D 74 1.24 -12.84 -13.12
N GLU D 75 0.88 -12.07 -12.11
CA GLU D 75 -0.51 -11.91 -11.74
C GLU D 75 -1.31 -11.25 -12.89
N LEU D 76 -0.71 -10.25 -13.50
CA LEU D 76 -1.34 -9.49 -14.57
C LEU D 76 -1.61 -10.37 -15.77
N LYS D 77 -0.72 -11.29 -16.04
CA LYS D 77 -0.77 -12.13 -17.21
C LYS D 77 -1.92 -13.13 -17.12
N LYS D 78 -2.55 -13.21 -15.98
CA LYS D 78 -3.74 -14.01 -15.84
C LYS D 78 -5.01 -13.42 -16.48
N ALA D 79 -5.02 -12.12 -16.69
CA ALA D 79 -6.18 -11.43 -17.24
C ALA D 79 -6.42 -11.56 -18.76
N ASP D 80 -7.67 -11.47 -19.18
CA ASP D 80 -8.01 -11.45 -20.58
C ASP D 80 -8.42 -10.01 -20.86
N VAL D 81 -7.68 -9.32 -21.70
CA VAL D 81 -7.94 -7.92 -21.99
C VAL D 81 -8.68 -7.74 -23.33
N GLY D 82 -9.37 -8.79 -23.72
CA GLY D 82 -10.22 -8.76 -24.88
C GLY D 82 -9.80 -9.76 -25.93
N GLN D 83 -10.74 -10.58 -26.34
CA GLN D 83 -10.51 -11.57 -27.36
C GLN D 83 -9.43 -12.55 -26.96
N GLY D 84 -9.20 -12.71 -25.67
CA GLY D 84 -8.16 -13.58 -25.20
C GLY D 84 -6.75 -12.99 -25.19
N GLU D 85 -6.62 -11.74 -25.59
CA GLU D 85 -5.34 -11.06 -25.51
C GLU D 85 -4.90 -10.91 -24.07
N ARG D 86 -3.59 -10.96 -23.86
CA ARG D 86 -2.97 -10.71 -22.59
C ARG D 86 -2.45 -9.27 -22.51
N ILE D 87 -2.30 -8.75 -21.31
CA ILE D 87 -1.67 -7.47 -21.11
C ILE D 87 -0.22 -7.59 -21.54
N PRO D 88 0.21 -6.75 -22.46
CA PRO D 88 1.58 -6.83 -22.93
C PRO D 88 2.56 -5.96 -22.12
N THR D 89 3.80 -6.38 -22.08
CA THR D 89 4.90 -5.56 -21.66
C THR D 89 5.35 -4.68 -22.81
N LEU D 90 6.04 -3.62 -22.49
CA LEU D 90 6.51 -2.76 -23.53
C LEU D 90 7.47 -3.48 -24.46
N GLU D 91 8.28 -4.38 -23.95
CA GLU D 91 9.19 -5.16 -24.80
C GLU D 91 8.38 -6.02 -25.80
N GLU D 92 7.38 -6.63 -25.45
CA GLU D 92 6.49 -7.39 -26.28
C GLU D 92 5.94 -6.50 -27.39
N VAL D 93 5.55 -5.31 -27.08
CA VAL D 93 5.07 -4.44 -28.13
C VAL D 93 6.14 -4.16 -29.19
N PHE D 94 7.34 -3.81 -28.80
CA PHE D 94 8.40 -3.57 -29.77
C PHE D 94 8.67 -4.82 -30.60
N GLU D 95 8.56 -5.99 -29.99
CA GLU D 95 8.77 -7.26 -30.67
C GLU D 95 7.75 -7.51 -31.76
N ALA D 96 6.54 -7.02 -31.53
CA ALA D 96 5.40 -7.26 -32.39
C ALA D 96 5.24 -6.38 -33.62
N ILE D 97 5.94 -5.28 -33.72
CA ILE D 97 5.72 -4.35 -34.79
C ILE D 97 7.01 -4.09 -35.53
N PRO D 98 6.93 -3.50 -36.70
CA PRO D 98 8.10 -3.26 -37.50
C PRO D 98 9.04 -2.30 -36.85
N ARG D 99 10.29 -2.45 -37.16
CA ARG D 99 11.33 -1.71 -36.51
C ARG D 99 11.27 -0.22 -36.77
N ASN D 100 10.63 0.13 -37.86
CA ASN D 100 10.43 1.50 -38.30
C ASN D 100 9.14 2.16 -37.82
N ALA D 101 8.24 1.38 -37.27
CA ALA D 101 6.97 1.94 -36.87
C ALA D 101 7.16 2.98 -35.79
N LEU D 102 6.44 4.07 -35.90
CA LEU D 102 6.43 5.10 -34.88
C LEU D 102 5.68 4.65 -33.65
N VAL D 103 6.23 4.91 -32.48
CA VAL D 103 5.57 4.54 -31.27
C VAL D 103 5.50 5.73 -30.33
N ASN D 104 4.32 6.16 -29.96
CA ASN D 104 4.22 7.19 -28.99
C ASN D 104 3.91 6.54 -27.67
N VAL D 105 4.89 6.48 -26.78
CA VAL D 105 4.66 5.92 -25.48
C VAL D 105 4.10 6.98 -24.55
N GLU D 106 2.90 6.77 -24.05
CA GLU D 106 2.36 7.70 -23.10
C GLU D 106 2.66 7.22 -21.68
N LEU D 107 3.42 8.01 -20.95
CA LEU D 107 3.81 7.65 -19.62
C LEU D 107 2.67 7.98 -18.69
N LYS D 108 1.96 6.96 -18.22
CA LYS D 108 0.96 7.19 -17.17
C LYS D 108 1.55 7.15 -15.75
N ASP D 109 2.78 6.69 -15.66
CA ASP D 109 3.42 6.42 -14.38
C ASP D 109 4.85 6.91 -14.37
N ARG D 110 5.13 7.90 -13.57
CA ARG D 110 6.46 8.48 -13.49
C ARG D 110 7.49 7.41 -13.06
N ASP D 111 7.05 6.49 -12.24
CA ASP D 111 7.90 5.43 -11.74
C ASP D 111 8.44 4.60 -12.88
N ALA D 112 7.75 4.58 -14.01
CA ALA D 112 8.14 3.74 -15.11
C ALA D 112 9.20 4.40 -15.97
N ALA D 113 9.57 5.61 -15.66
CA ALA D 113 10.35 6.35 -16.61
C ALA D 113 11.69 5.73 -16.98
N ARG D 114 12.41 5.28 -15.97
CA ARG D 114 13.74 4.77 -16.23
C ARG D 114 13.75 3.50 -17.08
N GLU D 115 12.88 2.58 -16.73
CA GLU D 115 12.73 1.35 -17.48
C GLU D 115 12.28 1.61 -18.91
N VAL D 116 11.36 2.55 -19.06
CA VAL D 116 10.94 2.91 -20.38
C VAL D 116 12.10 3.45 -21.17
N ALA D 117 12.92 4.27 -20.58
CA ALA D 117 14.04 4.81 -21.31
C ALA D 117 15.02 3.73 -21.76
N GLU D 118 15.30 2.80 -20.87
CA GLU D 118 16.19 1.72 -21.19
C GLU D 118 15.68 0.87 -22.30
N ILE D 119 14.40 0.53 -22.24
CA ILE D 119 13.77 -0.26 -23.27
C ILE D 119 13.77 0.44 -24.60
N VAL D 120 13.47 1.72 -24.57
CA VAL D 120 13.42 2.52 -25.76
C VAL D 120 14.81 2.56 -26.44
N ALA D 121 15.81 2.65 -25.60
CA ALA D 121 17.18 2.74 -26.06
C ALA D 121 17.55 1.51 -26.87
N GLU D 122 17.01 0.35 -26.50
CA GLU D 122 17.27 -0.90 -27.21
C GLU D 122 16.35 -1.13 -28.40
N ASN D 123 15.47 -0.22 -28.65
CA ASN D 123 14.45 -0.47 -29.63
C ASN D 123 14.23 0.62 -30.67
N ASN D 124 15.32 1.21 -31.19
CA ASN D 124 15.21 2.26 -32.18
C ASN D 124 14.57 3.57 -31.78
N PRO D 125 15.10 4.16 -30.73
CA PRO D 125 14.59 5.38 -30.14
C PRO D 125 14.19 6.49 -31.09
N GLU D 126 14.72 6.47 -32.29
CA GLU D 126 14.44 7.49 -33.29
C GLU D 126 12.96 7.52 -33.67
N ARG D 127 12.30 6.39 -33.58
CA ARG D 127 10.92 6.29 -33.97
C ARG D 127 10.03 6.39 -32.79
N VAL D 128 10.60 6.73 -31.66
CA VAL D 128 9.83 6.85 -30.44
C VAL D 128 9.52 8.29 -30.05
N MET D 129 8.30 8.51 -29.59
CA MET D 129 7.92 9.73 -28.93
C MET D 129 7.41 9.45 -27.53
N ILE D 130 7.91 10.20 -26.56
CA ILE D 130 7.46 10.12 -25.20
C ILE D 130 6.56 11.30 -24.90
N SER D 131 5.38 11.01 -24.37
CA SER D 131 4.44 12.03 -23.97
C SER D 131 3.82 11.71 -22.63
N SER D 132 3.27 12.71 -21.97
CA SER D 132 2.50 12.50 -20.78
C SER D 132 1.62 13.71 -20.48
N PHE D 133 0.56 13.53 -19.74
CA PHE D 133 -0.16 14.64 -19.17
C PHE D 133 0.53 15.04 -17.88
N ASP D 134 1.33 14.15 -17.34
CA ASP D 134 2.01 14.40 -16.09
C ASP D 134 3.41 14.96 -16.29
N ILE D 135 3.55 16.23 -16.01
CA ILE D 135 4.76 16.95 -16.23
C ILE D 135 5.92 16.36 -15.42
N ASP D 136 5.63 15.91 -14.24
CA ASP D 136 6.60 15.26 -13.40
C ASP D 136 7.12 13.97 -14.00
N ALA D 137 6.23 13.26 -14.67
CA ALA D 137 6.61 12.11 -15.38
C ALA D 137 7.57 12.45 -16.49
N LEU D 138 7.33 13.53 -17.20
CA LEU D 138 8.24 13.97 -18.24
C LEU D 138 9.57 14.40 -17.68
N ARG D 139 9.49 15.10 -16.57
CA ARG D 139 10.67 15.53 -15.85
C ARG D 139 11.50 14.33 -15.41
N GLU D 140 10.82 13.33 -14.87
CA GLU D 140 11.51 12.13 -14.50
C GLU D 140 12.15 11.49 -15.70
N TYR D 141 11.47 11.41 -16.82
CA TYR D 141 12.04 10.77 -17.99
C TYR D 141 13.31 11.46 -18.41
N ARG D 142 13.32 12.77 -18.32
CA ARG D 142 14.42 13.57 -18.76
C ARG D 142 15.70 13.34 -17.96
N LYS D 143 15.57 12.80 -16.76
CA LYS D 143 16.71 12.40 -15.95
C LYS D 143 17.51 11.35 -16.65
N TYR D 144 16.83 10.49 -17.38
CA TYR D 144 17.43 9.35 -17.98
C TYR D 144 17.63 9.44 -19.45
N ASP D 145 16.77 10.17 -20.13
CA ASP D 145 16.93 10.29 -21.56
C ASP D 145 16.58 11.67 -22.06
N ASP D 146 17.56 12.40 -22.51
CA ASP D 146 17.28 13.73 -22.99
C ASP D 146 17.34 13.90 -24.49
N GLU D 147 17.41 12.82 -25.24
CA GLU D 147 17.42 12.89 -26.67
C GLU D 147 16.08 12.57 -27.35
N THR D 148 15.35 11.60 -26.85
CA THR D 148 14.15 11.13 -27.52
C THR D 148 13.08 12.22 -27.64
N THR D 149 12.33 12.18 -28.72
CA THR D 149 11.31 13.13 -29.03
C THR D 149 10.25 13.11 -27.94
N MET D 150 9.90 14.28 -27.44
CA MET D 150 8.95 14.42 -26.37
C MET D 150 7.81 15.38 -26.67
N GLY D 151 6.63 15.01 -26.20
CA GLY D 151 5.44 15.78 -26.37
C GLY D 151 4.68 15.91 -25.09
N LEU D 152 4.05 17.05 -24.93
CA LEU D 152 3.29 17.31 -23.74
C LEU D 152 1.79 17.19 -24.02
N LEU D 153 1.13 16.28 -23.36
CA LEU D 153 -0.29 16.20 -23.53
C LEU D 153 -0.95 17.26 -22.68
N ILE D 154 -1.99 17.89 -23.19
CA ILE D 154 -2.69 18.91 -22.42
C ILE D 154 -4.16 18.71 -22.39
N ASP D 155 -4.74 18.65 -21.21
CA ASP D 155 -6.16 18.62 -21.02
C ASP D 155 -6.75 19.61 -20.00
N ARG D 156 -5.95 20.58 -19.59
CA ARG D 156 -6.35 21.65 -18.69
C ARG D 156 -5.89 22.95 -19.26
N GLU D 157 -6.77 23.92 -19.26
CA GLU D 157 -6.53 25.24 -19.79
C GLU D 157 -5.39 25.96 -19.09
N GLU D 158 -5.26 25.76 -17.79
CA GLU D 158 -4.23 26.37 -16.99
C GLU D 158 -2.85 25.96 -17.46
N VAL D 159 -2.78 24.82 -18.10
CA VAL D 159 -1.52 24.36 -18.67
C VAL D 159 -0.98 25.18 -19.84
N VAL D 160 -1.86 25.79 -20.62
CA VAL D 160 -1.44 26.40 -21.86
C VAL D 160 -0.42 27.52 -21.68
N PRO D 161 -0.61 28.36 -20.69
CA PRO D 161 0.35 29.43 -20.44
C PRO D 161 1.70 28.91 -20.06
N LEU D 162 1.79 27.67 -19.64
CA LEU D 162 3.06 27.10 -19.21
C LEU D 162 3.90 26.55 -20.33
N ILE D 163 3.38 26.56 -21.54
CA ILE D 163 4.03 25.87 -22.62
C ILE D 163 5.43 26.38 -22.90
N PRO D 164 5.63 27.67 -22.91
CA PRO D 164 6.97 28.13 -23.24
C PRO D 164 7.98 27.64 -22.23
N LYS D 165 7.63 27.70 -20.96
CA LYS D 165 8.52 27.26 -19.89
C LYS D 165 8.81 25.79 -20.01
N LEU D 166 7.76 25.03 -20.21
CA LEU D 166 7.87 23.60 -20.32
C LEU D 166 8.71 23.20 -21.51
N LYS D 167 8.55 23.91 -22.60
CA LYS D 167 9.31 23.61 -23.78
C LYS D 167 10.79 23.79 -23.57
N ASP D 168 11.18 24.89 -22.97
CA ASP D 168 12.58 25.07 -22.65
C ASP D 168 13.11 24.05 -21.58
N GLU D 169 12.37 23.85 -20.52
CA GLU D 169 12.78 22.90 -19.53
C GLU D 169 12.89 21.49 -20.02
N LEU D 170 11.90 21.02 -20.77
CA LEU D 170 11.83 19.65 -21.26
C LEU D 170 12.37 19.37 -22.66
N ASN D 171 12.78 20.39 -23.39
CA ASN D 171 13.07 20.25 -24.79
C ASN D 171 11.92 19.61 -25.56
N LEU D 172 10.72 20.14 -25.39
CA LEU D 172 9.54 19.60 -26.06
C LEU D 172 9.66 19.69 -27.58
N TRP D 173 9.21 18.67 -28.28
CA TRP D 173 9.06 18.72 -29.72
C TRP D 173 7.66 19.17 -30.09
N SER D 174 6.68 18.70 -29.35
CA SER D 174 5.32 19.00 -29.62
C SER D 174 4.44 19.20 -28.41
N VAL D 175 3.31 19.84 -28.64
CA VAL D 175 2.20 19.80 -27.71
C VAL D 175 1.14 18.93 -28.31
N ASN D 176 0.49 18.15 -27.48
CA ASN D 176 -0.42 17.16 -27.91
C ASN D 176 -1.77 17.52 -27.35
N VAL D 177 -2.64 18.02 -28.21
CA VAL D 177 -3.83 18.68 -27.76
C VAL D 177 -5.15 18.14 -28.35
N PRO D 178 -6.25 18.38 -27.67
CA PRO D 178 -7.49 17.72 -27.97
C PRO D 178 -8.39 18.54 -28.84
N MET D 179 -9.14 17.91 -29.73
CA MET D 179 -10.06 18.59 -30.61
C MET D 179 -11.13 19.21 -29.75
N GLU D 180 -11.22 18.75 -28.52
CA GLU D 180 -12.21 19.21 -27.59
C GLU D 180 -12.01 20.68 -27.34
N ALA D 181 -10.88 21.23 -27.72
CA ALA D 181 -10.66 22.63 -27.58
C ALA D 181 -11.68 23.42 -28.42
N ILE D 182 -12.07 22.90 -29.55
CA ILE D 182 -12.93 23.64 -30.42
C ILE D 182 -14.29 23.93 -29.79
N PRO D 183 -14.89 22.92 -29.22
CA PRO D 183 -16.11 23.10 -28.48
C PRO D 183 -15.87 23.92 -27.25
N LEU D 184 -14.75 23.79 -26.60
CA LEU D 184 -14.51 24.58 -25.43
C LEU D 184 -14.22 26.05 -25.57
N ILE D 185 -13.27 26.42 -26.40
CA ILE D 185 -12.93 27.80 -26.56
C ILE D 185 -13.30 28.40 -27.92
N GLY D 186 -13.87 27.60 -28.79
CA GLY D 186 -14.21 28.04 -30.12
C GLY D 186 -13.14 27.79 -31.16
N LEU D 187 -13.53 27.71 -32.41
CA LEU D 187 -12.58 27.48 -33.46
C LEU D 187 -11.56 28.59 -33.57
N GLU D 188 -11.98 29.83 -33.50
CA GLU D 188 -11.00 30.87 -33.66
C GLU D 188 -9.94 30.89 -32.57
N LYS D 189 -10.35 30.76 -31.33
CA LYS D 189 -9.39 30.72 -30.23
C LYS D 189 -8.50 29.47 -30.32
N THR D 190 -9.11 28.38 -30.75
CA THR D 190 -8.36 27.19 -30.93
C THR D 190 -7.32 27.38 -32.01
N LEU D 191 -7.71 27.96 -33.13
CA LEU D 191 -6.75 28.27 -34.16
C LEU D 191 -5.71 29.23 -33.61
N GLN D 192 -6.11 30.20 -32.83
CA GLN D 192 -5.16 31.16 -32.35
C GLN D 192 -4.07 30.48 -31.48
N ALA D 193 -4.47 29.59 -30.61
CA ALA D 193 -3.54 28.87 -29.77
C ALA D 193 -2.56 28.02 -30.59
N LEU D 194 -3.09 27.39 -31.61
CA LEU D 194 -2.28 26.59 -32.48
C LEU D 194 -1.26 27.44 -33.17
N HIS D 195 -1.65 28.61 -33.60
CA HIS D 195 -0.69 29.51 -34.17
C HIS D 195 0.34 29.88 -33.13
N TRP D 196 -0.11 30.07 -31.92
CA TRP D 196 0.81 30.48 -30.89
C TRP D 196 1.89 29.44 -30.63
N VAL D 197 1.50 28.21 -30.45
CA VAL D 197 2.49 27.19 -30.21
C VAL D 197 3.42 27.03 -31.40
N ARG D 198 2.87 27.13 -32.58
CA ARG D 198 3.68 27.07 -33.77
C ARG D 198 4.66 28.22 -33.87
N SER D 199 4.25 29.37 -33.39
CA SER D 199 5.13 30.53 -33.35
C SER D 199 6.32 30.24 -32.46
N LEU D 200 6.12 29.39 -31.45
CA LEU D 200 7.13 28.96 -30.50
C LEU D 200 8.11 27.93 -31.05
N GLY D 201 7.83 27.43 -32.23
CA GLY D 201 8.60 26.38 -32.83
C GLY D 201 8.18 24.95 -32.54
N LEU D 202 7.05 24.81 -31.90
CA LEU D 202 6.52 23.52 -31.55
C LEU D 202 5.73 22.89 -32.67
N LYS D 203 5.84 21.58 -32.85
CA LYS D 203 4.95 20.84 -33.69
C LYS D 203 3.68 20.47 -32.92
N VAL D 204 2.67 20.00 -33.64
CA VAL D 204 1.38 19.68 -33.05
C VAL D 204 0.84 18.26 -33.30
N VAL D 205 0.39 17.63 -32.24
CA VAL D 205 -0.21 16.34 -32.28
C VAL D 205 -1.61 16.53 -31.81
N LEU D 206 -2.55 15.89 -32.49
CA LEU D 206 -3.96 16.00 -32.17
C LEU D 206 -4.61 14.67 -31.74
N TRP D 207 -5.51 14.78 -30.80
CA TRP D 207 -6.22 13.65 -30.24
C TRP D 207 -7.63 14.07 -29.83
N THR D 208 -8.49 13.14 -29.55
CA THR D 208 -9.83 13.46 -29.12
C THR D 208 -10.51 12.23 -28.50
N GLU D 209 -11.67 12.39 -27.92
CA GLU D 209 -12.31 11.27 -27.33
C GLU D 209 -13.07 10.49 -28.39
N ASN D 210 -12.63 9.30 -28.68
CA ASN D 210 -13.36 8.41 -29.56
C ASN D 210 -13.50 8.93 -30.96
N ASP D 211 -12.62 9.81 -31.40
CA ASP D 211 -12.53 10.18 -32.79
C ASP D 211 -13.67 11.06 -33.28
N VAL D 212 -14.50 11.55 -32.39
CA VAL D 212 -15.74 12.10 -32.82
C VAL D 212 -15.53 13.52 -33.28
N LEU D 213 -14.78 14.29 -32.54
CA LEU D 213 -14.55 15.67 -32.87
C LEU D 213 -13.60 15.89 -34.03
N PHE D 214 -12.95 14.85 -34.51
CA PHE D 214 -12.18 14.96 -35.71
C PHE D 214 -13.13 15.27 -36.84
N TYR D 215 -14.21 14.54 -36.84
CA TYR D 215 -15.04 14.47 -38.00
C TYR D 215 -16.19 15.44 -37.97
N LYS D 216 -16.73 15.72 -36.81
CA LYS D 216 -17.84 16.60 -36.73
C LYS D 216 -17.53 17.99 -37.27
N ASP D 217 -18.34 18.42 -38.21
CA ASP D 217 -18.27 19.75 -38.74
C ASP D 217 -17.06 19.87 -39.60
N ASP D 218 -16.44 18.76 -39.90
CA ASP D 218 -15.15 18.77 -40.51
C ASP D 218 -14.16 19.62 -39.69
N ASN D 219 -14.19 19.48 -38.39
CA ASN D 219 -13.30 20.25 -37.54
C ASN D 219 -11.85 20.04 -37.94
N LEU D 220 -11.46 18.82 -38.18
CA LEU D 220 -10.08 18.57 -38.44
C LEU D 220 -9.64 19.28 -39.68
N ALA D 221 -10.51 19.35 -40.68
CA ALA D 221 -10.17 20.01 -41.92
C ALA D 221 -9.84 21.48 -41.68
N LYS D 222 -10.53 22.09 -40.75
CA LYS D 222 -10.35 23.48 -40.43
C LYS D 222 -8.96 23.74 -39.92
N LEU D 223 -8.33 22.72 -39.36
CA LEU D 223 -7.02 22.84 -38.76
C LEU D 223 -5.86 22.54 -39.71
N LYS D 224 -6.14 22.40 -40.98
CA LYS D 224 -5.14 21.88 -41.85
C LYS D 224 -3.93 22.75 -41.94
N GLY D 225 -2.79 22.12 -41.97
CA GLY D 225 -1.49 22.73 -42.02
C GLY D 225 -0.97 23.12 -40.65
N LEU D 226 -1.82 23.04 -39.65
CA LEU D 226 -1.45 23.28 -38.28
C LEU D 226 -1.14 22.04 -37.41
N PHE D 227 -1.16 20.85 -38.00
CA PHE D 227 -0.88 19.66 -37.23
C PHE D 227 0.00 18.69 -37.98
N GLU D 228 0.87 17.98 -37.29
CA GLU D 228 1.76 17.03 -37.89
C GLU D 228 1.41 15.57 -37.62
N VAL D 229 0.64 15.34 -36.57
CA VAL D 229 0.26 14.01 -36.16
C VAL D 229 -1.16 13.95 -35.64
N VAL D 230 -1.86 12.90 -36.00
CA VAL D 230 -3.12 12.64 -35.37
C VAL D 230 -3.17 11.25 -34.81
N ILE D 231 -3.77 11.11 -33.65
CA ILE D 231 -3.93 9.87 -32.96
C ILE D 231 -5.41 9.52 -33.04
N ALA D 232 -5.70 8.42 -33.68
CA ALA D 232 -7.05 8.02 -33.99
C ALA D 232 -7.34 6.58 -33.66
N ASN D 233 -8.54 6.33 -33.15
CA ASN D 233 -9.01 5.00 -32.95
C ASN D 233 -9.21 4.18 -34.23
N ASP D 234 -9.85 4.78 -35.22
CA ASP D 234 -10.09 4.12 -36.49
C ASP D 234 -9.06 4.62 -37.44
N VAL D 235 -8.00 3.90 -37.61
CA VAL D 235 -6.92 4.38 -38.45
C VAL D 235 -7.26 4.57 -39.94
N VAL D 236 -8.00 3.63 -40.49
CA VAL D 236 -8.34 3.73 -41.89
C VAL D 236 -9.23 4.90 -42.17
N ARG D 237 -10.21 5.12 -41.33
CA ARG D 237 -11.04 6.25 -41.57
C ARG D 237 -10.20 7.53 -41.59
N MET D 238 -9.30 7.66 -40.64
CA MET D 238 -8.47 8.83 -40.58
C MET D 238 -7.56 8.90 -41.78
N ILE D 239 -7.02 7.78 -42.19
CA ILE D 239 -6.11 7.79 -43.31
C ILE D 239 -6.82 8.26 -44.55
N GLU D 240 -8.03 7.79 -44.74
CA GLU D 240 -8.81 8.18 -45.86
C GLU D 240 -9.16 9.66 -45.84
N TYR D 241 -9.56 10.16 -44.69
CA TYR D 241 -9.94 11.54 -44.51
C TYR D 241 -8.78 12.43 -44.89
N LEU D 242 -7.60 12.07 -44.44
CA LEU D 242 -6.42 12.85 -44.73
C LEU D 242 -6.02 12.85 -46.19
N LYS D 243 -6.23 11.74 -46.86
CA LYS D 243 -6.00 11.64 -48.28
C LYS D 243 -6.90 12.56 -49.06
N LYS D 244 -8.17 12.58 -48.72
CA LYS D 244 -9.12 13.41 -49.42
C LYS D 244 -8.74 14.86 -49.28
N LEU D 245 -8.11 15.24 -48.19
CA LEU D 245 -7.66 16.61 -48.00
C LEU D 245 -6.29 16.85 -48.57
N GLY D 246 -5.66 15.83 -49.11
CA GLY D 246 -4.32 15.98 -49.66
C GLY D 246 -3.21 16.12 -48.64
N LEU D 247 -3.47 15.72 -47.42
CA LEU D 247 -2.49 15.81 -46.37
C LEU D 247 -1.70 14.55 -46.18
N ARG D 248 -2.08 13.50 -46.88
CA ARG D 248 -1.35 12.25 -46.81
C ARG D 248 -1.14 11.71 -48.18
MG MG E . 21.21 -10.66 5.49
MG MG F . -16.58 22.55 7.34
MG MG G . -11.85 -17.11 21.18
MG MG H . -2.83 7.33 -24.18
#